data_2DH4
#
_entry.id   2DH4
#
_cell.length_a   48.747
_cell.length_b   116.331
_cell.length_c   129.768
_cell.angle_alpha   90.00
_cell.angle_beta   90.00
_cell.angle_gamma   90.00
#
_symmetry.space_group_name_H-M   'P 21 21 21'
#
loop_
_entity.id
_entity.type
_entity.pdbx_description
1 polymer YPL069C
2 non-polymer 'MAGNESIUM ION'
3 water water
#
_entity_poly.entity_id   1
_entity_poly.type   'polypeptide(L)'
_entity_poly.pdbx_seq_one_letter_code
;MTKNKMEAKIDELINNDPVWSSQNESLISKPYNHILLKPGKNFRLNLIVQINRVMNLPKDQLAIVSQIVELLHNSSLLID
DIEDNAPLRRGQTTSHLIFGVPSTINTANYMYFRAMQLVSQLTTKEPLYHNLITIFNEELINLHRGQGLDIYWRDFLPEI
IPTQEMYLNMVMNKTGGLFRLTLRLMEALSPSSHHGHSLVPFINLLGIIYQIRDDYLNLKDFQMSSEKGFAEDITEGKLS
FPIVHALNFTKTKGQTEQHNEILRILLLRTSDKDIKLKLIQILEFDTNSLAYTKNFINQLVNMIKNDNENKYLPDLASHS
DTATNLHDELLYIIDHLSEL
;
_entity_poly.pdbx_strand_id   A,B
#
# COMPACT_ATOMS: atom_id res chain seq x y z
N THR A 2 -22.01 -21.63 26.79
CA THR A 2 -21.74 -23.09 26.98
C THR A 2 -20.30 -23.39 26.55
N LYS A 3 -19.62 -24.28 27.27
CA LYS A 3 -18.26 -24.63 26.90
C LYS A 3 -18.35 -25.49 25.63
N ASN A 4 -19.40 -26.31 25.52
CA ASN A 4 -19.59 -27.18 24.35
C ASN A 4 -20.01 -26.47 23.07
N LYS A 5 -20.99 -25.58 23.17
CA LYS A 5 -21.46 -24.83 22.00
C LYS A 5 -20.35 -23.92 21.54
N MET A 6 -19.66 -23.26 22.49
CA MET A 6 -18.56 -22.34 22.17
C MET A 6 -17.57 -23.04 21.24
N GLU A 7 -17.01 -24.12 21.73
CA GLU A 7 -16.03 -24.94 21.02
C GLU A 7 -16.56 -25.43 19.65
N ALA A 8 -17.84 -25.77 19.56
CA ALA A 8 -18.39 -26.21 18.27
C ALA A 8 -18.43 -25.04 17.29
N LYS A 9 -18.79 -23.88 17.77
CA LYS A 9 -18.86 -22.73 16.88
C LYS A 9 -17.45 -22.37 16.44
N ILE A 10 -16.48 -22.42 17.37
CA ILE A 10 -15.10 -22.09 17.00
C ILE A 10 -14.57 -23.11 15.97
N ASP A 11 -14.90 -24.39 16.18
CA ASP A 11 -14.47 -25.41 15.24
C ASP A 11 -15.00 -25.10 13.86
N GLU A 12 -16.26 -24.71 13.76
CA GLU A 12 -16.79 -24.41 12.45
C GLU A 12 -16.07 -23.20 11.80
N LEU A 13 -15.77 -22.21 12.62
CA LEU A 13 -15.12 -21.00 12.15
C LEU A 13 -13.75 -21.34 11.53
N ILE A 14 -12.93 -22.01 12.32
CA ILE A 14 -11.61 -22.33 11.83
C ILE A 14 -11.54 -23.33 10.68
N ASN A 15 -12.62 -24.07 10.43
CA ASN A 15 -12.58 -25.04 9.36
C ASN A 15 -13.13 -24.54 8.06
N ASN A 16 -13.47 -23.26 8.01
CA ASN A 16 -13.98 -22.66 6.81
C ASN A 16 -13.16 -21.45 6.40
N ASP A 17 -13.42 -21.02 5.19
CA ASP A 17 -12.77 -19.83 4.67
C ASP A 17 -13.31 -18.67 5.48
N PRO A 18 -12.54 -17.59 5.56
CA PRO A 18 -13.01 -16.44 6.32
C PRO A 18 -14.28 -15.90 5.68
N VAL A 19 -15.21 -15.49 6.51
CA VAL A 19 -16.49 -14.97 6.10
C VAL A 19 -16.33 -13.52 5.67
N TRP A 20 -16.90 -13.18 4.51
CA TRP A 20 -16.86 -11.83 3.95
C TRP A 20 -18.12 -11.62 3.14
N SER A 21 -18.92 -10.66 3.52
CA SER A 21 -20.17 -10.34 2.83
C SER A 21 -20.06 -9.27 1.77
N SER A 22 -21.09 -9.18 0.92
CA SER A 22 -21.08 -8.13 -0.10
C SER A 22 -21.28 -6.80 0.64
N GLN A 23 -21.95 -6.82 1.78
CA GLN A 23 -22.16 -5.57 2.54
C GLN A 23 -20.76 -5.05 3.01
N ASN A 24 -19.95 -5.98 3.55
CA ASN A 24 -18.57 -5.71 3.99
C ASN A 24 -17.78 -5.10 2.81
N GLU A 25 -17.85 -5.78 1.65
CA GLU A 25 -17.16 -5.34 0.46
C GLU A 25 -17.53 -3.89 0.10
N SER A 26 -18.82 -3.55 0.18
CA SER A 26 -19.21 -2.17 -0.13
C SER A 26 -18.71 -1.15 0.92
N LEU A 27 -18.78 -1.48 2.20
CA LEU A 27 -18.29 -0.54 3.20
C LEU A 27 -16.82 -0.18 2.96
N ILE A 28 -15.97 -1.18 2.75
CA ILE A 28 -14.56 -0.86 2.53
C ILE A 28 -14.25 -0.30 1.16
N SER A 29 -15.24 -0.23 0.26
CA SER A 29 -15.01 0.28 -1.08
C SER A 29 -15.29 1.78 -1.23
N LYS A 30 -15.82 2.41 -0.19
CA LYS A 30 -16.17 3.82 -0.27
C LYS A 30 -15.10 4.75 -0.87
N PRO A 31 -13.86 4.70 -0.35
CA PRO A 31 -12.82 5.59 -0.91
C PRO A 31 -12.58 5.36 -2.43
N TYR A 32 -12.77 4.11 -2.86
CA TYR A 32 -12.57 3.78 -4.28
C TYR A 32 -13.76 4.27 -5.09
N ASN A 33 -14.96 4.04 -4.59
CA ASN A 33 -16.13 4.48 -5.34
C ASN A 33 -16.11 5.97 -5.52
N HIS A 34 -15.61 6.68 -4.53
CA HIS A 34 -15.54 8.12 -4.66
C HIS A 34 -14.61 8.60 -5.81
N ILE A 35 -13.42 8.04 -5.92
CA ILE A 35 -12.52 8.54 -6.95
C ILE A 35 -12.97 8.12 -8.37
N LEU A 36 -13.85 7.13 -8.46
CA LEU A 36 -14.39 6.70 -9.76
C LEU A 36 -15.26 7.81 -10.37
N LEU A 37 -15.73 8.72 -9.54
CA LEU A 37 -16.56 9.81 -10.04
C LEU A 37 -15.69 10.77 -10.86
N LYS A 38 -14.39 10.52 -10.88
CA LYS A 38 -13.48 11.39 -11.64
C LYS A 38 -13.43 10.95 -13.12
N PRO A 39 -13.43 11.90 -14.05
CA PRO A 39 -13.36 11.44 -15.44
C PRO A 39 -11.92 11.36 -15.95
N GLY A 40 -11.78 11.03 -17.24
CA GLY A 40 -10.46 10.90 -17.86
C GLY A 40 -10.25 9.45 -18.28
N LYS A 41 -11.20 8.61 -17.83
CA LYS A 41 -11.25 7.16 -18.07
C LYS A 41 -11.39 6.79 -19.55
N ASN A 42 -12.07 7.64 -20.29
CA ASN A 42 -12.25 7.40 -21.71
C ASN A 42 -10.95 7.73 -22.43
N PHE A 43 -10.19 8.71 -21.94
CA PHE A 43 -8.92 9.03 -22.57
C PHE A 43 -7.91 7.90 -22.41
N ARG A 44 -7.83 7.34 -21.21
CA ARG A 44 -6.90 6.24 -20.94
C ARG A 44 -7.29 5.04 -21.80
N LEU A 45 -8.59 4.74 -21.85
CA LEU A 45 -9.12 3.64 -22.66
C LEU A 45 -8.78 3.92 -24.12
N ASN A 46 -8.89 5.18 -24.53
CA ASN A 46 -8.59 5.52 -25.92
C ASN A 46 -7.15 5.20 -26.28
N LEU A 47 -6.22 5.45 -25.36
CA LEU A 47 -4.83 5.14 -25.68
C LEU A 47 -4.68 3.58 -25.77
N ILE A 48 -5.37 2.85 -24.90
CA ILE A 48 -5.28 1.40 -24.94
C ILE A 48 -5.87 0.89 -26.27
N VAL A 49 -7.04 1.40 -26.64
CA VAL A 49 -7.70 1.02 -27.88
C VAL A 49 -6.82 1.31 -29.11
N GLN A 50 -6.14 2.44 -29.10
CA GLN A 50 -5.29 2.76 -30.22
C GLN A 50 -4.06 1.86 -30.32
N ILE A 51 -3.46 1.56 -29.17
CA ILE A 51 -2.32 0.70 -29.17
C ILE A 51 -2.79 -0.68 -29.63
N ASN A 52 -4.03 -1.03 -29.29
CA ASN A 52 -4.51 -2.35 -29.70
C ASN A 52 -4.64 -2.52 -31.23
N ARG A 53 -4.54 -1.43 -31.99
CA ARG A 53 -4.61 -1.54 -33.45
C ARG A 53 -3.34 -2.24 -33.89
N VAL A 54 -2.30 -2.14 -33.07
CA VAL A 54 -1.03 -2.80 -33.36
C VAL A 54 -0.91 -4.16 -32.67
N MET A 55 -1.47 -4.29 -31.46
CA MET A 55 -1.36 -5.53 -30.71
C MET A 55 -2.44 -6.59 -30.94
N ASN A 56 -3.63 -6.16 -31.38
CA ASN A 56 -4.73 -7.08 -31.67
C ASN A 56 -5.15 -8.05 -30.58
N LEU A 57 -5.38 -7.56 -29.37
CA LEU A 57 -5.80 -8.47 -28.32
C LEU A 57 -7.29 -8.59 -28.53
N PRO A 58 -7.85 -9.77 -28.32
CA PRO A 58 -9.30 -9.89 -28.50
C PRO A 58 -9.98 -8.92 -27.50
N LYS A 59 -11.16 -8.43 -27.84
CA LYS A 59 -11.86 -7.51 -26.99
C LYS A 59 -12.06 -7.90 -25.53
N ASP A 60 -12.38 -9.16 -25.25
CA ASP A 60 -12.58 -9.60 -23.86
C ASP A 60 -11.28 -9.42 -23.03
N GLN A 61 -10.15 -9.82 -23.62
CA GLN A 61 -8.85 -9.71 -22.97
C GLN A 61 -8.44 -8.25 -22.79
N LEU A 62 -8.70 -7.42 -23.80
CA LEU A 62 -8.38 -5.99 -23.74
C LEU A 62 -9.18 -5.35 -22.61
N ALA A 63 -10.45 -5.76 -22.44
CA ALA A 63 -11.25 -5.18 -21.35
C ALA A 63 -10.63 -5.49 -19.95
N ILE A 64 -10.02 -6.67 -19.80
CA ILE A 64 -9.42 -7.02 -18.53
C ILE A 64 -8.13 -6.19 -18.33
N VAL A 65 -7.33 -6.03 -19.36
CA VAL A 65 -6.13 -5.23 -19.23
C VAL A 65 -6.57 -3.84 -18.75
N SER A 66 -7.63 -3.33 -19.36
CA SER A 66 -8.18 -2.04 -19.01
C SER A 66 -8.62 -1.97 -17.54
N GLN A 67 -9.29 -3.00 -17.05
CA GLN A 67 -9.70 -3.01 -15.65
C GLN A 67 -8.49 -2.98 -14.70
N ILE A 68 -7.46 -3.71 -15.07
CA ILE A 68 -6.26 -3.73 -14.24
C ILE A 68 -5.65 -2.34 -14.18
N VAL A 69 -5.48 -1.73 -15.34
CA VAL A 69 -4.93 -0.40 -15.48
C VAL A 69 -5.72 0.62 -14.66
N GLU A 70 -7.04 0.55 -14.74
CA GLU A 70 -7.86 1.50 -13.98
C GLU A 70 -7.69 1.34 -12.48
N LEU A 71 -7.67 0.09 -12.01
CA LEU A 71 -7.52 -0.14 -10.60
C LEU A 71 -6.17 0.40 -10.15
N LEU A 72 -5.11 0.10 -10.91
CA LEU A 72 -3.79 0.53 -10.46
C LEU A 72 -3.68 2.04 -10.54
N HIS A 73 -4.11 2.64 -11.62
CA HIS A 73 -4.09 4.09 -11.74
C HIS A 73 -4.87 4.76 -10.56
N ASN A 74 -6.13 4.34 -10.34
CA ASN A 74 -6.93 4.95 -9.30
C ASN A 74 -6.33 4.74 -7.90
N SER A 75 -5.79 3.55 -7.65
CA SER A 75 -5.18 3.30 -6.34
C SER A 75 -4.00 4.21 -6.12
N SER A 76 -3.18 4.35 -7.17
CA SER A 76 -2.01 5.24 -7.13
C SER A 76 -2.39 6.67 -6.81
N LEU A 77 -3.51 7.14 -7.36
CA LEU A 77 -3.92 8.51 -7.08
C LEU A 77 -4.44 8.65 -5.66
N LEU A 78 -5.17 7.64 -5.15
CA LEU A 78 -5.67 7.74 -3.77
C LEU A 78 -4.45 7.84 -2.82
N ILE A 79 -3.42 7.02 -3.05
CA ILE A 79 -2.23 7.07 -2.19
C ILE A 79 -1.42 8.35 -2.40
N ASP A 80 -1.29 8.75 -3.67
CA ASP A 80 -0.52 9.90 -3.98
C ASP A 80 -1.12 11.19 -3.37
N ASP A 81 -2.45 11.29 -3.34
CA ASP A 81 -3.05 12.47 -2.74
C ASP A 81 -2.79 12.52 -1.22
N ILE A 82 -2.74 11.35 -0.56
CA ILE A 82 -2.42 11.34 0.87
C ILE A 82 -0.95 11.76 0.98
N GLU A 83 -0.10 11.20 0.14
CA GLU A 83 1.34 11.48 0.18
C GLU A 83 1.71 12.93 -0.09
N ASP A 84 0.89 13.60 -0.89
CA ASP A 84 1.05 14.99 -1.28
C ASP A 84 0.18 15.94 -0.46
N ASN A 85 -0.63 15.40 0.44
CA ASN A 85 -1.54 16.23 1.24
C ASN A 85 -2.43 17.07 0.32
N ALA A 86 -2.93 16.49 -0.77
CA ALA A 86 -3.73 17.24 -1.72
C ALA A 86 -5.19 17.35 -1.33
N PRO A 87 -5.73 18.57 -1.40
CA PRO A 87 -7.15 18.77 -1.02
C PRO A 87 -8.16 18.44 -2.13
N LEU A 88 -7.71 18.45 -3.37
CA LEU A 88 -8.59 18.18 -4.51
C LEU A 88 -7.96 17.31 -5.55
N ARG A 89 -8.81 16.63 -6.31
CA ARG A 89 -8.38 15.77 -7.42
C ARG A 89 -9.46 15.98 -8.50
N ARG A 90 -9.08 16.58 -9.61
CA ARG A 90 -10.04 16.85 -10.69
C ARG A 90 -11.23 17.63 -10.13
N GLY A 91 -10.97 18.74 -9.48
CA GLY A 91 -12.07 19.53 -8.96
C GLY A 91 -12.84 18.96 -7.80
N GLN A 92 -12.60 17.71 -7.42
CA GLN A 92 -13.35 17.17 -6.28
C GLN A 92 -12.52 16.92 -5.00
N THR A 93 -13.19 16.91 -3.85
CA THR A 93 -12.52 16.68 -2.58
C THR A 93 -11.89 15.32 -2.60
N THR A 94 -10.65 15.29 -2.12
CA THR A 94 -9.89 14.06 -2.05
C THR A 94 -10.48 13.02 -1.10
N SER A 95 -10.46 11.74 -1.46
CA SER A 95 -11.01 10.76 -0.58
C SER A 95 -10.49 10.72 0.85
N HIS A 96 -9.19 10.95 1.08
CA HIS A 96 -8.68 10.86 2.46
C HIS A 96 -9.26 11.91 3.38
N LEU A 97 -9.73 13.01 2.80
CA LEU A 97 -10.35 14.05 3.59
C LEU A 97 -11.81 13.66 3.92
N ILE A 98 -12.43 12.79 3.11
CA ILE A 98 -13.82 12.41 3.41
C ILE A 98 -13.91 11.17 4.30
N PHE A 99 -13.16 10.12 3.93
CA PHE A 99 -13.21 8.86 4.67
C PHE A 99 -12.06 8.67 5.63
N GLY A 100 -11.09 9.59 5.60
CA GLY A 100 -9.96 9.49 6.50
C GLY A 100 -8.75 8.79 5.84
N VAL A 101 -7.57 9.12 6.33
CA VAL A 101 -6.35 8.54 5.79
C VAL A 101 -6.29 7.03 5.95
N PRO A 102 -6.65 6.50 7.15
CA PRO A 102 -6.60 5.04 7.34
C PRO A 102 -7.39 4.22 6.34
N SER A 103 -8.69 4.52 6.17
CA SER A 103 -9.52 3.78 5.21
C SER A 103 -9.01 3.95 3.80
N THR A 104 -8.61 5.16 3.45
CA THR A 104 -8.16 5.40 2.09
C THR A 104 -6.88 4.58 1.73
N ILE A 105 -5.90 4.58 2.62
CA ILE A 105 -4.66 3.81 2.41
C ILE A 105 -5.07 2.32 2.31
N ASN A 106 -5.87 1.84 3.25
CA ASN A 106 -6.22 0.42 3.19
C ASN A 106 -6.97 0.05 1.91
N THR A 107 -7.90 0.90 1.45
CA THR A 107 -8.67 0.59 0.24
C THR A 107 -7.78 0.63 -1.00
N ALA A 108 -6.92 1.62 -1.08
CA ALA A 108 -6.03 1.71 -2.23
C ALA A 108 -5.14 0.45 -2.28
N ASN A 109 -4.60 0.02 -1.15
CA ASN A 109 -3.71 -1.15 -1.16
C ASN A 109 -4.54 -2.41 -1.54
N TYR A 110 -5.75 -2.51 -0.98
CA TYR A 110 -6.65 -3.63 -1.33
C TYR A 110 -6.85 -3.67 -2.85
N MET A 111 -7.07 -2.52 -3.46
CA MET A 111 -7.30 -2.50 -4.89
C MET A 111 -6.07 -2.92 -5.71
N TYR A 112 -4.86 -2.69 -5.20
CA TYR A 112 -3.67 -3.17 -5.89
C TYR A 112 -3.75 -4.69 -5.96
N PHE A 113 -4.20 -5.33 -4.87
CA PHE A 113 -4.26 -6.81 -4.90
C PHE A 113 -5.41 -7.40 -5.73
N ARG A 114 -6.47 -6.61 -5.86
CA ARG A 114 -7.60 -6.97 -6.71
C ARG A 114 -7.10 -6.85 -8.13
N ALA A 115 -6.24 -5.88 -8.40
CA ALA A 115 -5.75 -5.78 -9.76
C ALA A 115 -4.87 -7.00 -10.07
N MET A 116 -4.00 -7.34 -9.12
CA MET A 116 -3.10 -8.48 -9.26
C MET A 116 -3.95 -9.76 -9.57
N GLN A 117 -5.08 -9.87 -8.89
CA GLN A 117 -5.95 -11.02 -9.05
C GLN A 117 -6.50 -11.14 -10.48
N LEU A 118 -6.84 -10.00 -11.10
CA LEU A 118 -7.35 -10.00 -12.47
C LEU A 118 -6.32 -10.50 -13.51
N VAL A 119 -5.03 -10.45 -13.17
CA VAL A 119 -4.02 -10.90 -14.11
C VAL A 119 -4.25 -12.36 -14.46
N SER A 120 -4.59 -13.18 -13.48
CA SER A 120 -4.79 -14.60 -13.73
C SER A 120 -5.97 -14.86 -14.66
N GLN A 121 -6.77 -13.85 -14.93
CA GLN A 121 -7.88 -14.05 -15.83
C GLN A 121 -7.46 -13.72 -17.27
N LEU A 122 -6.24 -13.24 -17.48
CA LEU A 122 -5.82 -12.93 -18.82
C LEU A 122 -5.43 -14.17 -19.65
N THR A 123 -5.10 -15.28 -19.00
CA THR A 123 -4.63 -16.49 -19.71
C THR A 123 -4.78 -17.69 -18.83
N THR A 124 -4.61 -18.86 -19.44
CA THR A 124 -4.61 -20.11 -18.71
C THR A 124 -3.22 -20.73 -18.96
N LYS A 125 -2.47 -20.17 -19.89
CA LYS A 125 -1.12 -20.66 -20.20
C LYS A 125 -0.15 -20.27 -19.06
N GLU A 126 0.40 -21.27 -18.37
CA GLU A 126 1.29 -20.99 -17.24
C GLU A 126 2.54 -20.21 -17.57
N PRO A 127 3.13 -20.47 -18.75
CA PRO A 127 4.34 -19.70 -19.06
C PRO A 127 4.01 -18.22 -19.22
N LEU A 128 2.96 -17.93 -20.00
CA LEU A 128 2.56 -16.56 -20.23
C LEU A 128 2.14 -15.87 -18.89
N TYR A 129 1.38 -16.58 -18.07
CA TYR A 129 0.92 -16.04 -16.80
C TYR A 129 2.11 -15.56 -15.94
N HIS A 130 3.12 -16.41 -15.84
CA HIS A 130 4.32 -16.10 -15.09
C HIS A 130 4.90 -14.77 -15.64
N ASN A 131 5.01 -14.68 -16.97
CA ASN A 131 5.51 -13.48 -17.58
C ASN A 131 4.61 -12.27 -17.28
N LEU A 132 3.30 -12.44 -17.27
CA LEU A 132 2.44 -11.29 -16.97
C LEU A 132 2.61 -10.79 -15.53
N ILE A 133 2.68 -11.71 -14.58
CA ILE A 133 2.82 -11.34 -13.19
C ILE A 133 4.18 -10.68 -13.00
N THR A 134 5.19 -11.12 -13.75
CA THR A 134 6.51 -10.51 -13.61
C THR A 134 6.47 -9.05 -14.07
N ILE A 135 5.78 -8.81 -15.18
CA ILE A 135 5.69 -7.46 -15.71
C ILE A 135 5.00 -6.56 -14.67
N PHE A 136 3.94 -7.09 -14.08
CA PHE A 136 3.14 -6.42 -13.08
C PHE A 136 4.04 -6.11 -11.88
N ASN A 137 4.72 -7.15 -11.35
CA ASN A 137 5.63 -6.99 -10.21
C ASN A 137 6.75 -5.95 -10.50
N GLU A 138 7.41 -6.10 -11.64
CA GLU A 138 8.49 -5.19 -12.03
C GLU A 138 8.06 -3.74 -12.12
N GLU A 139 6.95 -3.47 -12.79
CA GLU A 139 6.59 -2.08 -12.94
C GLU A 139 5.99 -1.44 -11.66
N LEU A 140 5.38 -2.23 -10.79
CA LEU A 140 4.88 -1.64 -9.56
C LEU A 140 6.12 -1.34 -8.68
N ILE A 141 7.15 -2.19 -8.75
CA ILE A 141 8.38 -1.95 -8.03
C ILE A 141 8.95 -0.64 -8.58
N ASN A 142 8.99 -0.47 -9.91
CA ASN A 142 9.55 0.78 -10.47
C ASN A 142 8.75 2.04 -10.07
N LEU A 143 7.44 1.92 -10.09
CA LEU A 143 6.59 3.03 -9.67
C LEU A 143 6.91 3.44 -8.23
N HIS A 144 7.03 2.48 -7.33
CA HIS A 144 7.30 2.79 -5.94
C HIS A 144 8.69 3.36 -5.74
N ARG A 145 9.65 2.92 -6.52
CA ARG A 145 11.01 3.48 -6.43
C ARG A 145 10.99 4.97 -6.85
N GLY A 146 10.40 5.29 -8.00
CA GLY A 146 10.37 6.69 -8.39
C GLY A 146 9.55 7.56 -7.44
N GLN A 147 8.39 7.04 -7.02
CA GLN A 147 7.58 7.78 -6.07
C GLN A 147 8.37 8.02 -4.76
N GLY A 148 9.16 7.01 -4.35
CA GLY A 148 9.95 7.09 -3.11
C GLY A 148 10.98 8.23 -3.17
N LEU A 149 11.63 8.40 -4.32
CA LEU A 149 12.61 9.47 -4.54
C LEU A 149 11.93 10.86 -4.60
N ASP A 150 10.85 10.97 -5.37
CA ASP A 150 10.11 12.21 -5.52
C ASP A 150 9.71 12.69 -4.11
N ILE A 151 9.21 11.79 -3.29
CA ILE A 151 8.79 12.11 -1.93
C ILE A 151 10.02 12.47 -1.07
N TYR A 152 11.06 11.66 -1.13
CA TYR A 152 12.24 11.92 -0.28
C TYR A 152 12.85 13.32 -0.57
N TRP A 153 13.04 13.63 -1.84
CA TRP A 153 13.62 14.91 -2.23
C TRP A 153 12.83 16.04 -1.67
N ARG A 154 11.50 15.91 -1.77
CA ARG A 154 10.61 16.95 -1.28
C ARG A 154 10.55 17.05 0.25
N ASP A 155 10.44 15.93 0.93
CA ASP A 155 10.30 16.01 2.37
C ASP A 155 11.61 16.24 3.11
N PHE A 156 12.75 16.01 2.46
CA PHE A 156 14.04 16.21 3.13
C PHE A 156 14.81 17.39 2.53
N LEU A 157 14.16 18.13 1.65
CA LEU A 157 14.80 19.30 1.06
C LEU A 157 15.28 20.16 2.24
N PRO A 158 16.45 20.80 2.12
CA PRO A 158 17.42 20.82 1.01
C PRO A 158 18.49 19.73 1.01
N GLU A 159 18.28 18.62 1.70
CA GLU A 159 19.31 17.58 1.69
C GLU A 159 19.80 17.21 0.27
N ILE A 160 18.88 17.01 -0.65
CA ILE A 160 19.27 16.65 -1.98
C ILE A 160 18.62 17.60 -2.97
N ILE A 161 19.43 18.22 -3.84
CA ILE A 161 18.93 19.11 -4.88
C ILE A 161 19.13 18.25 -6.10
N PRO A 162 18.05 17.71 -6.66
CA PRO A 162 18.23 16.85 -7.85
C PRO A 162 18.62 17.60 -9.08
N THR A 163 19.34 16.91 -9.97
CA THR A 163 19.73 17.47 -11.25
C THR A 163 18.66 17.03 -12.22
N GLN A 164 18.67 17.62 -13.42
CA GLN A 164 17.77 17.26 -14.48
C GLN A 164 17.82 15.75 -14.78
N GLU A 165 19.02 15.21 -14.77
CA GLU A 165 19.21 13.78 -15.05
C GLU A 165 18.60 12.96 -13.90
N MET A 166 18.87 13.38 -12.66
CA MET A 166 18.27 12.63 -11.57
C MET A 166 16.73 12.66 -11.71
N TYR A 167 16.20 13.83 -12.01
CA TYR A 167 14.75 14.03 -12.15
C TYR A 167 14.21 13.09 -13.22
N LEU A 168 14.91 13.05 -14.37
CA LEU A 168 14.50 12.24 -15.50
C LEU A 168 14.53 10.74 -15.14
N ASN A 169 15.53 10.30 -14.37
CA ASN A 169 15.56 8.89 -13.98
C ASN A 169 14.41 8.63 -12.99
N MET A 170 14.10 9.59 -12.12
CA MET A 170 13.01 9.41 -11.18
C MET A 170 11.70 9.25 -11.95
N VAL A 171 11.49 10.08 -12.96
CA VAL A 171 10.26 9.99 -13.77
C VAL A 171 10.18 8.66 -14.58
N MET A 172 11.31 8.21 -15.12
CA MET A 172 11.32 6.91 -15.85
C MET A 172 10.76 5.80 -14.94
N ASN A 173 11.06 5.88 -13.65
CA ASN A 173 10.57 4.90 -12.68
C ASN A 173 9.11 5.21 -12.30
N LYS A 174 8.86 6.42 -11.78
CA LYS A 174 7.53 6.86 -11.30
C LYS A 174 6.37 6.85 -12.29
N THR A 175 6.53 7.62 -13.36
CA THR A 175 5.50 7.77 -14.36
C THR A 175 5.55 6.67 -15.42
N GLY A 176 6.77 6.31 -15.83
CA GLY A 176 6.92 5.25 -16.80
C GLY A 176 6.36 3.91 -16.31
N GLY A 177 6.45 3.68 -15.01
CA GLY A 177 5.97 2.42 -14.46
C GLY A 177 4.66 1.95 -15.05
N LEU A 178 3.60 2.74 -14.85
CA LEU A 178 2.29 2.36 -15.35
C LEU A 178 2.10 2.37 -16.88
N PHE A 179 2.81 3.27 -17.58
CA PHE A 179 2.75 3.32 -19.04
C PHE A 179 3.32 2.00 -19.54
N ARG A 180 4.55 1.70 -19.07
CA ARG A 180 5.21 0.47 -19.46
C ARG A 180 4.42 -0.74 -18.97
N LEU A 181 3.76 -0.65 -17.81
CA LEU A 181 3.06 -1.82 -17.34
C LEU A 181 1.98 -2.14 -18.38
N THR A 182 1.23 -1.12 -18.77
CA THR A 182 0.17 -1.37 -19.72
C THR A 182 0.71 -1.89 -21.05
N LEU A 183 1.68 -1.21 -21.60
CA LEU A 183 2.22 -1.61 -22.88
C LEU A 183 2.86 -3.02 -22.88
N ARG A 184 3.67 -3.32 -21.86
CA ARG A 184 4.28 -4.63 -21.79
C ARG A 184 3.26 -5.76 -21.71
N LEU A 185 2.19 -5.59 -20.93
CA LEU A 185 1.18 -6.63 -20.83
C LEU A 185 0.60 -6.88 -22.23
N MET A 186 0.23 -5.80 -22.92
CA MET A 186 -0.33 -5.93 -24.25
C MET A 186 0.63 -6.61 -25.21
N GLU A 187 1.91 -6.24 -25.18
CA GLU A 187 2.89 -6.87 -26.06
C GLU A 187 3.07 -8.35 -25.70
N ALA A 188 3.00 -8.70 -24.43
CA ALA A 188 3.19 -10.10 -24.07
C ALA A 188 2.01 -10.89 -24.55
N LEU A 189 0.83 -10.26 -24.57
CA LEU A 189 -0.39 -10.96 -24.92
C LEU A 189 -0.70 -10.99 -26.40
N SER A 190 -0.12 -10.07 -27.15
CA SER A 190 -0.42 -9.98 -28.56
C SER A 190 -0.33 -11.31 -29.31
N PRO A 191 -1.41 -11.66 -30.00
CA PRO A 191 -1.41 -12.91 -30.76
C PRO A 191 -0.67 -12.62 -32.06
N SER A 192 -0.60 -11.34 -32.41
CA SER A 192 0.02 -10.86 -33.63
C SER A 192 1.49 -11.24 -33.84
N SER A 193 1.74 -11.88 -34.98
CA SER A 193 3.06 -12.36 -35.41
C SER A 193 4.19 -11.45 -34.95
N HIS A 194 4.59 -10.52 -35.80
CA HIS A 194 5.64 -9.58 -35.42
C HIS A 194 5.08 -8.18 -35.71
N HIS A 195 4.45 -7.58 -34.70
CA HIS A 195 3.87 -6.25 -34.78
C HIS A 195 4.95 -5.16 -34.78
N GLY A 196 6.12 -5.45 -35.35
CA GLY A 196 7.21 -4.49 -35.39
C GLY A 196 8.01 -4.41 -34.10
N HIS A 197 8.97 -3.48 -34.03
CA HIS A 197 9.81 -3.32 -32.82
C HIS A 197 8.95 -2.99 -31.59
N SER A 198 9.41 -3.31 -30.39
CA SER A 198 8.64 -3.00 -29.16
C SER A 198 8.32 -1.50 -29.08
N LEU A 199 7.19 -1.14 -28.46
CA LEU A 199 6.88 0.28 -28.29
C LEU A 199 7.36 0.82 -26.89
N VAL A 200 8.10 0.03 -26.13
CA VAL A 200 8.54 0.55 -24.83
C VAL A 200 9.22 1.94 -24.93
N PRO A 201 10.16 2.14 -25.89
CA PRO A 201 10.78 3.45 -25.93
C PRO A 201 9.78 4.57 -26.14
N PHE A 202 8.88 4.31 -27.04
CA PHE A 202 7.82 5.26 -27.33
C PHE A 202 6.97 5.56 -26.09
N ILE A 203 6.65 4.53 -25.30
CA ILE A 203 5.79 4.72 -24.12
C ILE A 203 6.56 5.45 -23.02
N ASN A 204 7.87 5.22 -22.94
CA ASN A 204 8.74 5.90 -21.97
C ASN A 204 8.70 7.38 -22.31
N LEU A 205 8.88 7.69 -23.60
CA LEU A 205 8.85 9.08 -24.04
C LEU A 205 7.52 9.75 -23.71
N LEU A 206 6.43 9.05 -23.94
CA LEU A 206 5.11 9.58 -23.61
C LEU A 206 5.02 9.85 -22.09
N GLY A 207 5.52 8.91 -21.27
CA GLY A 207 5.48 9.08 -19.82
C GLY A 207 6.24 10.34 -19.39
N ILE A 208 7.40 10.56 -20.00
CA ILE A 208 8.23 11.75 -19.70
C ILE A 208 7.55 13.04 -20.18
N ILE A 209 7.01 13.04 -21.39
CA ILE A 209 6.31 14.24 -21.87
C ILE A 209 5.08 14.47 -20.94
N TYR A 210 4.41 13.40 -20.56
CA TYR A 210 3.22 13.56 -19.68
C TYR A 210 3.59 14.23 -18.35
N GLN A 211 4.65 13.74 -17.71
CA GLN A 211 5.01 14.29 -16.42
C GLN A 211 5.48 15.71 -16.49
N ILE A 212 6.41 15.99 -17.40
CA ILE A 212 6.92 17.34 -17.48
C ILE A 212 5.79 18.33 -17.84
N ARG A 213 4.87 17.93 -18.69
CA ARG A 213 3.78 18.82 -19.00
C ARG A 213 2.91 19.04 -17.77
N ASP A 214 2.66 17.97 -17.00
CA ASP A 214 1.87 18.05 -15.75
C ASP A 214 2.55 19.11 -14.87
N ASP A 215 3.87 18.99 -14.68
CA ASP A 215 4.63 19.95 -13.84
C ASP A 215 4.50 21.39 -14.36
N TYR A 216 4.68 21.54 -15.68
CA TYR A 216 4.64 22.83 -16.37
C TYR A 216 3.28 23.53 -16.28
N LEU A 217 2.23 22.79 -16.63
CA LEU A 217 0.90 23.38 -16.59
C LEU A 217 0.46 23.77 -15.15
N ASN A 218 0.91 23.01 -14.14
CA ASN A 218 0.50 23.32 -12.77
C ASN A 218 0.88 24.77 -12.41
N LEU A 219 2.02 25.24 -12.96
CA LEU A 219 2.51 26.62 -12.76
C LEU A 219 1.94 27.59 -13.80
N LYS A 220 2.03 27.22 -15.07
CA LYS A 220 1.55 28.08 -16.16
C LYS A 220 0.06 28.42 -16.04
N ASP A 221 -0.76 27.46 -15.65
CA ASP A 221 -2.19 27.74 -15.50
C ASP A 221 -2.44 28.77 -14.40
N PHE A 222 -1.63 28.71 -13.35
CA PHE A 222 -1.77 29.62 -12.22
C PHE A 222 -1.28 31.00 -12.64
N GLN A 223 -0.17 31.00 -13.39
CA GLN A 223 0.39 32.26 -13.84
C GLN A 223 -0.65 32.95 -14.73
N MET A 224 -1.45 32.16 -15.42
CA MET A 224 -2.48 32.70 -16.32
C MET A 224 -3.83 32.94 -15.65
N SER A 225 -4.01 32.42 -14.44
CA SER A 225 -5.28 32.59 -13.74
C SER A 225 -5.23 32.02 -12.31
N SER A 226 -5.55 32.86 -11.32
CA SER A 226 -5.58 32.45 -9.91
C SER A 226 -6.74 31.48 -9.65
N GLU A 227 -7.51 31.20 -10.70
CA GLU A 227 -8.67 30.30 -10.64
C GLU A 227 -8.67 29.15 -11.68
N LYS A 228 -7.72 29.17 -12.63
CA LYS A 228 -7.60 28.08 -13.61
C LYS A 228 -6.93 26.91 -12.87
N GLY A 229 -6.00 27.25 -11.98
CA GLY A 229 -5.28 26.27 -11.19
C GLY A 229 -4.85 26.89 -9.87
N PHE A 230 -4.40 26.06 -8.93
CA PHE A 230 -3.96 26.57 -7.64
C PHE A 230 -2.43 26.57 -7.50
N ALA A 231 -1.73 25.98 -8.48
CA ALA A 231 -0.28 25.82 -8.44
C ALA A 231 0.04 25.07 -7.13
N GLU A 232 -0.75 24.04 -6.88
CA GLU A 232 -0.65 23.22 -5.68
C GLU A 232 0.69 22.51 -5.58
N ASP A 233 1.42 22.39 -6.69
CA ASP A 233 2.76 21.74 -6.63
C ASP A 233 3.71 22.61 -5.75
N ILE A 234 3.46 23.90 -5.69
CA ILE A 234 4.32 24.78 -4.88
C ILE A 234 3.97 24.53 -3.45
N THR A 235 2.69 24.42 -3.18
CA THR A 235 2.23 24.16 -1.83
C THR A 235 2.81 22.84 -1.35
N GLU A 236 2.96 21.91 -2.27
CA GLU A 236 3.49 20.64 -1.89
C GLU A 236 5.00 20.61 -1.77
N GLY A 237 5.70 21.62 -2.28
CA GLY A 237 7.17 21.62 -2.14
C GLY A 237 7.89 20.69 -3.12
N LYS A 238 7.14 20.28 -4.15
CA LYS A 238 7.62 19.34 -5.17
C LYS A 238 8.85 19.77 -5.97
N LEU A 239 9.75 18.82 -6.22
CA LEU A 239 10.93 19.14 -7.04
C LEU A 239 10.47 18.83 -8.46
N SER A 240 9.68 19.75 -9.01
CA SER A 240 9.13 19.65 -10.34
C SER A 240 10.18 19.97 -11.38
N PHE A 241 9.89 19.66 -12.65
CA PHE A 241 10.87 19.95 -13.69
C PHE A 241 11.31 21.44 -13.71
N PRO A 242 10.36 22.38 -13.74
CA PRO A 242 10.79 23.80 -13.74
C PRO A 242 11.61 24.19 -12.48
N ILE A 243 11.20 23.67 -11.32
CA ILE A 243 11.90 23.98 -10.05
C ILE A 243 13.30 23.39 -10.10
N VAL A 244 13.43 22.20 -10.66
CA VAL A 244 14.78 21.60 -10.71
C VAL A 244 15.66 22.47 -11.60
N HIS A 245 15.13 22.91 -12.73
CA HIS A 245 15.90 23.79 -13.57
C HIS A 245 16.24 25.07 -12.81
N ALA A 246 15.27 25.67 -12.12
CA ALA A 246 15.61 26.92 -11.43
C ALA A 246 16.64 26.75 -10.31
N LEU A 247 16.55 25.65 -9.58
CA LEU A 247 17.50 25.46 -8.50
C LEU A 247 18.92 25.24 -9.05
N ASN A 248 19.04 24.55 -10.18
CA ASN A 248 20.37 24.31 -10.73
C ASN A 248 20.87 25.53 -11.47
N PHE A 249 19.99 26.22 -12.21
CA PHE A 249 20.35 27.48 -12.89
C PHE A 249 20.88 28.49 -11.85
N THR A 250 20.13 28.74 -10.77
CA THR A 250 20.60 29.72 -9.78
C THR A 250 21.94 29.30 -9.15
N LYS A 251 22.10 28.01 -8.90
CA LYS A 251 23.35 27.50 -8.35
C LYS A 251 24.49 27.86 -9.30
N THR A 252 24.31 27.47 -10.56
CA THR A 252 25.27 27.68 -11.62
C THR A 252 25.65 29.14 -11.89
N LYS A 253 24.67 30.03 -11.88
CA LYS A 253 24.99 31.41 -12.19
C LYS A 253 25.38 32.14 -10.91
N GLY A 254 25.40 31.45 -9.78
CA GLY A 254 25.77 32.13 -8.55
C GLY A 254 24.72 33.07 -7.96
N GLN A 255 23.45 32.90 -8.36
CA GLN A 255 22.37 33.73 -7.81
C GLN A 255 22.02 33.15 -6.45
N THR A 256 22.89 33.42 -5.49
CA THR A 256 22.71 32.91 -4.15
C THR A 256 21.37 33.23 -3.47
N GLU A 257 20.98 34.50 -3.50
CA GLU A 257 19.75 34.90 -2.86
C GLU A 257 18.52 34.20 -3.48
N GLN A 258 18.47 34.16 -4.80
CA GLN A 258 17.32 33.56 -5.49
C GLN A 258 17.26 32.04 -5.20
N HIS A 259 18.42 31.38 -5.21
CA HIS A 259 18.47 29.96 -4.91
C HIS A 259 17.83 29.72 -3.56
N ASN A 260 18.28 30.49 -2.59
CA ASN A 260 17.75 30.31 -1.25
C ASN A 260 16.29 30.70 -1.08
N GLU A 261 15.85 31.71 -1.80
CA GLU A 261 14.44 32.15 -1.71
C GLU A 261 13.54 31.04 -2.34
N ILE A 262 13.97 30.43 -3.44
CA ILE A 262 13.22 29.30 -4.05
C ILE A 262 13.08 28.19 -2.99
N LEU A 263 14.19 27.88 -2.33
CA LEU A 263 14.11 26.85 -1.31
C LEU A 263 13.20 27.30 -0.19
N ARG A 264 13.37 28.55 0.28
CA ARG A 264 12.53 29.02 1.37
C ARG A 264 10.99 28.88 1.05
N ILE A 265 10.58 29.35 -0.10
CA ILE A 265 9.18 29.26 -0.47
C ILE A 265 8.74 27.80 -0.55
N LEU A 266 9.55 26.93 -1.13
CA LEU A 266 9.13 25.52 -1.19
C LEU A 266 8.94 25.00 0.19
N LEU A 267 9.84 25.36 1.11
CA LEU A 267 9.72 24.86 2.46
C LEU A 267 8.58 25.41 3.28
N LEU A 268 8.01 26.52 2.85
CA LEU A 268 6.86 27.07 3.57
C LEU A 268 5.59 26.21 3.42
N ARG A 269 5.50 25.44 2.34
CA ARG A 269 4.27 24.63 2.08
C ARG A 269 3.12 25.62 2.11
N THR A 270 3.24 26.71 1.36
CA THR A 270 2.25 27.75 1.48
C THR A 270 1.06 27.73 0.54
N SER A 271 -0.05 28.28 1.01
CA SER A 271 -1.21 28.36 0.13
C SER A 271 -1.42 29.81 -0.24
N ASP A 272 -0.51 30.68 0.21
CA ASP A 272 -0.64 32.13 -0.12
C ASP A 272 -0.45 32.37 -1.62
N LYS A 273 -1.49 32.90 -2.26
CA LYS A 273 -1.43 33.09 -3.69
C LYS A 273 -0.34 34.04 -4.14
N ASP A 274 -0.06 35.05 -3.33
CA ASP A 274 0.96 36.00 -3.78
C ASP A 274 2.34 35.42 -3.70
N ILE A 275 2.59 34.60 -2.67
CA ILE A 275 3.90 33.99 -2.49
C ILE A 275 4.11 32.96 -3.61
N LYS A 276 3.06 32.23 -3.95
CA LYS A 276 3.19 31.26 -5.06
C LYS A 276 3.45 32.00 -6.38
N LEU A 277 2.78 33.14 -6.60
CA LEU A 277 2.98 33.92 -7.81
C LEU A 277 4.41 34.52 -7.82
N LYS A 278 4.89 34.99 -6.66
CA LYS A 278 6.28 35.49 -6.58
C LYS A 278 7.26 34.39 -7.13
N LEU A 279 7.19 33.18 -6.58
CA LEU A 279 8.09 32.11 -7.04
C LEU A 279 7.92 31.85 -8.55
N ILE A 280 6.66 31.80 -9.00
CA ILE A 280 6.43 31.63 -10.42
C ILE A 280 7.07 32.71 -11.28
N GLN A 281 7.03 33.96 -10.83
CA GLN A 281 7.66 35.04 -11.60
C GLN A 281 9.20 35.01 -11.52
N ILE A 282 9.74 34.42 -10.45
CA ILE A 282 11.18 34.23 -10.35
C ILE A 282 11.49 33.21 -11.49
N LEU A 283 10.66 32.15 -11.59
CA LEU A 283 10.92 31.20 -12.66
C LEU A 283 10.69 31.80 -14.03
N GLU A 284 9.82 32.82 -14.11
CA GLU A 284 9.53 33.44 -15.39
C GLU A 284 10.62 34.38 -15.84
N PHE A 285 10.95 35.35 -14.99
CA PHE A 285 11.93 36.40 -15.30
C PHE A 285 13.40 36.28 -14.92
N ASP A 286 13.68 35.60 -13.82
CA ASP A 286 15.02 35.47 -13.30
C ASP A 286 15.75 34.25 -13.81
N THR A 287 15.09 33.09 -13.79
CA THR A 287 15.71 31.88 -14.27
C THR A 287 15.20 31.41 -15.66
N ASN A 288 14.11 31.99 -16.16
CA ASN A 288 13.52 31.58 -17.44
C ASN A 288 13.27 30.08 -17.51
N SER A 289 12.93 29.49 -16.36
CA SER A 289 12.65 28.07 -16.24
C SER A 289 11.34 27.69 -16.95
N LEU A 290 10.39 28.62 -17.01
CA LEU A 290 9.12 28.26 -17.67
C LEU A 290 9.35 28.09 -19.18
N ALA A 291 10.11 29.00 -19.77
CA ALA A 291 10.38 28.96 -21.24
C ALA A 291 11.26 27.75 -21.52
N TYR A 292 12.27 27.58 -20.70
CA TYR A 292 13.15 26.43 -20.85
C TYR A 292 12.34 25.15 -20.84
N THR A 293 11.34 25.05 -19.97
CA THR A 293 10.54 23.85 -19.88
C THR A 293 9.59 23.66 -21.09
N LYS A 294 9.00 24.76 -21.53
CA LYS A 294 8.06 24.75 -22.65
C LYS A 294 8.80 24.23 -23.87
N ASN A 295 10.03 24.69 -24.03
CA ASN A 295 10.87 24.30 -25.16
C ASN A 295 11.31 22.83 -25.01
N PHE A 296 11.68 22.43 -23.79
CA PHE A 296 12.06 21.04 -23.56
C PHE A 296 10.86 20.17 -23.96
N ILE A 297 9.65 20.54 -23.57
CA ILE A 297 8.52 19.70 -23.93
C ILE A 297 8.36 19.62 -25.48
N ASN A 298 8.37 20.78 -26.14
CA ASN A 298 8.22 20.79 -27.60
C ASN A 298 9.29 19.88 -28.29
N GLN A 299 10.50 19.87 -27.74
CA GLN A 299 11.56 19.06 -28.29
C GLN A 299 11.21 17.58 -28.14
N LEU A 300 10.67 17.22 -26.98
CA LEU A 300 10.32 15.84 -26.76
C LEU A 300 9.23 15.43 -27.73
N VAL A 301 8.22 16.28 -27.87
CA VAL A 301 7.09 16.03 -28.77
C VAL A 301 7.57 15.94 -30.21
N ASN A 302 8.56 16.77 -30.56
CA ASN A 302 9.08 16.75 -31.90
C ASN A 302 9.78 15.45 -32.25
N MET A 303 10.32 14.76 -31.25
CA MET A 303 10.99 13.48 -31.49
C MET A 303 9.99 12.45 -32.01
N ILE A 304 8.71 12.69 -31.75
CA ILE A 304 7.65 11.80 -32.21
C ILE A 304 7.07 12.36 -33.50
N LYS A 305 6.69 13.63 -33.48
CA LYS A 305 6.11 14.27 -34.67
C LYS A 305 7.03 14.22 -35.92
N ASN A 306 8.34 14.06 -35.70
CA ASN A 306 9.29 13.97 -36.80
C ASN A 306 9.86 12.57 -36.91
N ASP A 307 9.10 11.60 -36.45
CA ASP A 307 9.54 10.22 -36.49
C ASP A 307 9.11 9.55 -37.80
N ASN A 308 9.73 9.98 -38.91
CA ASN A 308 9.42 9.45 -40.25
C ASN A 308 9.93 8.02 -40.45
N GLU A 309 11.15 7.75 -40.00
CA GLU A 309 11.75 6.42 -40.11
C GLU A 309 11.13 5.43 -39.10
N ASN A 310 9.99 5.84 -38.54
CA ASN A 310 9.27 5.03 -37.55
C ASN A 310 10.19 4.31 -36.57
N LYS A 311 11.13 5.03 -35.98
CA LYS A 311 12.01 4.38 -35.01
C LYS A 311 11.33 4.28 -33.63
N TYR A 312 10.36 5.16 -33.37
CA TYR A 312 9.62 5.14 -32.11
C TYR A 312 8.17 4.70 -32.42
N LEU A 313 7.55 5.43 -33.33
CA LEU A 313 6.21 5.14 -33.78
C LEU A 313 6.20 3.73 -34.36
N PRO A 314 5.01 3.08 -34.42
CA PRO A 314 5.03 1.73 -34.97
C PRO A 314 5.31 1.68 -36.50
N ASP A 328 -1.31 9.85 -37.08
CA ASP A 328 -2.79 10.11 -37.14
C ASP A 328 -3.31 10.49 -35.77
N GLU A 329 -3.89 9.47 -35.15
CA GLU A 329 -4.48 9.49 -33.81
C GLU A 329 -3.39 9.85 -32.81
N LEU A 330 -2.15 9.74 -33.29
CA LEU A 330 -0.94 10.05 -32.55
C LEU A 330 -1.02 11.45 -31.96
N LEU A 331 -1.13 12.40 -32.86
CA LEU A 331 -1.20 13.82 -32.53
C LEU A 331 -2.30 14.15 -31.50
N TYR A 332 -3.51 13.63 -31.71
CA TYR A 332 -4.63 13.86 -30.78
C TYR A 332 -4.26 13.36 -29.38
N ILE A 333 -3.69 12.16 -29.30
CA ILE A 333 -3.28 11.59 -28.02
C ILE A 333 -2.23 12.46 -27.34
N ILE A 334 -1.23 12.91 -28.12
CA ILE A 334 -0.17 13.77 -27.58
C ILE A 334 -0.74 15.09 -27.04
N ASP A 335 -1.69 15.67 -27.76
CA ASP A 335 -2.32 16.93 -27.37
C ASP A 335 -3.20 16.80 -26.14
N HIS A 336 -3.76 15.62 -25.92
CA HIS A 336 -4.61 15.39 -24.76
C HIS A 336 -3.89 14.54 -23.74
N LEU A 337 -2.58 14.48 -23.81
CA LEU A 337 -1.84 13.66 -22.88
C LEU A 337 -2.12 14.04 -21.41
N SER A 338 -2.50 15.29 -21.19
CA SER A 338 -2.78 15.78 -19.85
C SER A 338 -4.02 15.18 -19.18
N GLU A 339 -4.93 14.61 -19.96
CA GLU A 339 -6.14 14.01 -19.36
C GLU A 339 -6.03 12.53 -19.03
N LEU A 340 -4.84 11.96 -19.23
CA LEU A 340 -4.64 10.55 -18.94
C LEU A 340 -4.79 10.34 -17.43
N THR B 2 21.81 21.89 -26.66
CA THR B 2 21.71 21.63 -28.13
C THR B 2 20.46 20.80 -28.41
N LYS B 3 19.88 20.98 -29.61
CA LYS B 3 18.68 20.23 -30.04
C LYS B 3 19.09 18.80 -30.39
N ASN B 4 20.32 18.68 -30.92
CA ASN B 4 20.89 17.39 -31.31
C ASN B 4 21.26 16.55 -30.09
N LYS B 5 22.07 17.11 -29.19
CA LYS B 5 22.50 16.35 -28.02
C LYS B 5 21.35 16.04 -27.07
N MET B 6 20.43 16.99 -26.93
CA MET B 6 19.29 16.79 -26.05
C MET B 6 18.58 15.51 -26.45
N GLU B 7 18.20 15.44 -27.72
CA GLU B 7 17.52 14.32 -28.34
C GLU B 7 18.32 13.03 -28.15
N ALA B 8 19.63 13.14 -28.28
CA ALA B 8 20.47 11.97 -28.15
C ALA B 8 20.40 11.44 -26.72
N LYS B 9 20.47 12.33 -25.74
CA LYS B 9 20.40 11.88 -24.36
C LYS B 9 19.01 11.33 -24.02
N ILE B 10 17.98 11.87 -24.65
CA ILE B 10 16.65 11.37 -24.40
C ILE B 10 16.50 9.97 -25.01
N ASP B 11 17.01 9.78 -26.24
CA ASP B 11 16.93 8.46 -26.91
C ASP B 11 17.60 7.36 -26.06
N GLU B 12 18.78 7.66 -25.52
CA GLU B 12 19.48 6.72 -24.67
C GLU B 12 18.67 6.32 -23.42
N LEU B 13 18.07 7.36 -22.80
CA LEU B 13 17.28 7.19 -21.62
C LEU B 13 16.09 6.27 -21.86
N ILE B 14 15.32 6.56 -22.88
CA ILE B 14 14.11 5.77 -23.14
C ILE B 14 14.39 4.38 -23.72
N ASN B 15 15.63 4.13 -24.15
CA ASN B 15 15.93 2.82 -24.69
C ASN B 15 16.55 1.91 -23.67
N ASN B 16 16.74 2.44 -22.45
CA ASN B 16 17.29 1.65 -21.37
C ASN B 16 16.22 1.42 -20.26
N ASP B 17 16.54 0.49 -19.37
CA ASP B 17 15.68 0.24 -18.25
C ASP B 17 15.83 1.47 -17.40
N PRO B 18 14.87 1.72 -16.52
CA PRO B 18 14.98 2.91 -15.69
C PRO B 18 16.24 2.84 -14.79
N VAL B 19 16.92 3.97 -14.62
CA VAL B 19 18.12 4.00 -13.79
C VAL B 19 17.75 4.02 -12.29
N TRP B 20 18.33 3.09 -11.52
CA TRP B 20 18.06 3.01 -10.09
C TRP B 20 19.37 2.57 -9.48
N SER B 21 19.88 3.34 -8.52
CA SER B 21 21.16 3.04 -7.86
C SER B 21 21.01 2.39 -6.44
N SER B 22 22.10 1.86 -5.89
CA SER B 22 22.05 1.26 -4.57
C SER B 22 21.87 2.39 -3.56
N GLN B 23 22.29 3.58 -3.92
CA GLN B 23 22.14 4.73 -3.05
C GLN B 23 20.65 5.10 -2.99
N ASN B 24 19.97 5.10 -4.14
CA ASN B 24 18.52 5.35 -4.24
C ASN B 24 17.82 4.30 -3.36
N GLU B 25 18.19 3.03 -3.53
CA GLU B 25 17.62 1.90 -2.76
C GLU B 25 17.75 2.16 -1.26
N SER B 26 18.91 2.65 -0.82
CA SER B 26 19.05 2.94 0.59
C SER B 26 18.13 4.05 1.06
N LEU B 27 18.00 5.14 0.30
CA LEU B 27 17.13 6.23 0.74
C LEU B 27 15.70 5.70 0.99
N ILE B 28 15.21 4.93 0.03
CA ILE B 28 13.84 4.43 0.12
C ILE B 28 13.66 3.40 1.20
N SER B 29 14.76 2.78 1.66
CA SER B 29 14.65 1.75 2.69
C SER B 29 14.72 2.27 4.10
N LYS B 30 15.00 3.53 4.32
CA LYS B 30 15.10 3.99 5.69
C LYS B 30 13.95 3.69 6.64
N PRO B 31 12.69 3.95 6.23
CA PRO B 31 11.59 3.66 7.16
C PRO B 31 11.54 2.17 7.48
N TYR B 32 11.94 1.35 6.52
CA TYR B 32 11.94 -0.09 6.76
C TYR B 32 13.12 -0.53 7.66
N ASN B 33 14.31 -0.01 7.42
CA ASN B 33 15.42 -0.40 8.28
C ASN B 33 15.16 0.01 9.71
N HIS B 34 14.45 1.12 9.88
CA HIS B 34 14.14 1.55 11.23
C HIS B 34 13.31 0.52 12.00
N ILE B 35 12.29 -0.07 11.38
CA ILE B 35 11.48 -1.03 12.12
C ILE B 35 12.23 -2.35 12.36
N LEU B 36 13.27 -2.62 11.55
CA LEU B 36 14.06 -3.84 11.70
C LEU B 36 14.80 -3.84 13.06
N LEU B 37 14.92 -2.68 13.68
CA LEU B 37 15.56 -2.61 14.98
C LEU B 37 14.61 -3.18 16.08
N LYS B 38 13.37 -3.49 15.71
CA LYS B 38 12.36 -4.07 16.62
C LYS B 38 12.62 -5.59 16.77
N PRO B 39 12.44 -6.18 17.98
CA PRO B 39 12.71 -7.63 18.04
C PRO B 39 11.41 -8.46 17.92
N GLY B 40 11.55 -9.78 18.10
CA GLY B 40 10.44 -10.70 17.99
C GLY B 40 10.57 -11.60 16.76
N LYS B 41 11.54 -11.25 15.91
CA LYS B 41 11.87 -11.93 14.65
C LYS B 41 12.26 -13.39 14.88
N ASN B 42 12.97 -13.66 15.97
CA ASN B 42 13.36 -15.02 16.27
C ASN B 42 12.14 -15.85 16.69
N PHE B 43 11.18 -15.21 17.33
CA PHE B 43 9.97 -15.92 17.72
C PHE B 43 9.19 -16.35 16.50
N ARG B 44 9.06 -15.45 15.53
CA ARG B 44 8.31 -15.74 14.32
C ARG B 44 9.06 -16.82 13.50
N LEU B 45 10.39 -16.73 13.47
CA LEU B 45 11.22 -17.71 12.78
C LEU B 45 11.03 -19.04 13.48
N ASN B 46 10.97 -18.98 14.83
CA ASN B 46 10.80 -20.18 15.65
C ASN B 46 9.57 -20.93 15.16
N LEU B 47 8.46 -20.23 15.10
CA LEU B 47 7.22 -20.86 14.62
C LEU B 47 7.41 -21.47 13.22
N ILE B 48 8.10 -20.77 12.32
CA ILE B 48 8.33 -21.33 10.98
C ILE B 48 9.22 -22.62 11.10
N VAL B 49 10.27 -22.52 11.89
CA VAL B 49 11.16 -23.65 12.10
C VAL B 49 10.41 -24.83 12.67
N GLN B 50 9.58 -24.60 13.68
CA GLN B 50 8.83 -25.70 14.26
C GLN B 50 7.91 -26.35 13.25
N ILE B 51 7.17 -25.53 12.51
CA ILE B 51 6.24 -26.04 11.50
C ILE B 51 7.04 -26.77 10.45
N ASN B 52 8.29 -26.41 10.28
CA ASN B 52 9.04 -27.10 9.27
C ASN B 52 9.38 -28.56 9.66
N ARG B 53 9.16 -28.95 10.92
CA ARG B 53 9.43 -30.33 11.32
C ARG B 53 8.42 -31.22 10.58
N VAL B 54 7.26 -30.66 10.27
CA VAL B 54 6.24 -31.43 9.59
C VAL B 54 6.30 -31.21 8.08
N MET B 55 6.66 -29.99 7.66
CA MET B 55 6.70 -29.71 6.22
C MET B 55 8.01 -30.14 5.54
N ASN B 56 9.12 -30.05 6.25
CA ASN B 56 10.40 -30.45 5.72
C ASN B 56 10.86 -29.73 4.45
N LEU B 57 10.73 -28.42 4.38
CA LEU B 57 11.21 -27.72 3.20
C LEU B 57 12.72 -27.64 3.38
N PRO B 58 13.48 -27.68 2.27
CA PRO B 58 14.94 -27.59 2.39
C PRO B 58 15.29 -26.20 2.97
N LYS B 59 16.42 -26.10 3.67
CA LYS B 59 16.80 -24.87 4.33
C LYS B 59 16.82 -23.61 3.49
N ASP B 60 17.36 -23.71 2.28
CA ASP B 60 17.39 -22.55 1.42
C ASP B 60 15.96 -22.01 1.12
N GLN B 61 15.06 -22.91 0.77
CA GLN B 61 13.70 -22.52 0.45
C GLN B 61 12.99 -21.97 1.69
N LEU B 62 13.25 -22.57 2.86
CA LEU B 62 12.63 -22.12 4.10
C LEU B 62 13.10 -20.70 4.41
N ALA B 63 14.36 -20.40 4.08
CA ALA B 63 14.87 -19.07 4.35
C ALA B 63 14.15 -17.97 3.53
N ILE B 64 13.75 -18.31 2.32
CA ILE B 64 13.05 -17.35 1.47
C ILE B 64 11.61 -17.13 2.00
N VAL B 65 10.98 -18.20 2.49
CA VAL B 65 9.62 -18.14 3.02
C VAL B 65 9.74 -17.19 4.21
N SER B 66 10.81 -17.36 4.98
CA SER B 66 11.03 -16.54 6.15
C SER B 66 11.18 -15.06 5.79
N GLN B 67 11.96 -14.79 4.75
CA GLN B 67 12.17 -13.43 4.29
C GLN B 67 10.84 -12.80 3.82
N ILE B 68 9.99 -13.60 3.18
CA ILE B 68 8.73 -13.11 2.64
C ILE B 68 7.85 -12.72 3.82
N VAL B 69 7.85 -13.60 4.81
CA VAL B 69 7.08 -13.40 6.03
C VAL B 69 7.55 -12.13 6.77
N GLU B 70 8.86 -11.95 6.87
CA GLU B 70 9.33 -10.80 7.59
C GLU B 70 8.99 -9.50 6.86
N LEU B 71 9.09 -9.50 5.54
CA LEU B 71 8.74 -8.27 4.79
C LEU B 71 7.26 -7.95 4.95
N LEU B 72 6.40 -8.95 4.83
CA LEU B 72 4.95 -8.66 4.94
C LEU B 72 4.58 -8.21 6.35
N HIS B 73 5.13 -8.89 7.34
CA HIS B 73 4.85 -8.56 8.72
C HIS B 73 5.32 -7.15 9.01
N ASN B 74 6.55 -6.81 8.67
CA ASN B 74 7.04 -5.47 8.96
C ASN B 74 6.27 -4.37 8.22
N SER B 75 6.01 -4.58 6.94
CA SER B 75 5.26 -3.59 6.16
C SER B 75 3.89 -3.37 6.74
N SER B 76 3.26 -4.46 7.15
CA SER B 76 1.91 -4.31 7.66
C SER B 76 1.97 -3.56 8.99
N LEU B 77 3.03 -3.74 9.76
CA LEU B 77 3.14 -2.97 11.01
C LEU B 77 3.40 -1.45 10.73
N LEU B 78 4.28 -1.12 9.77
CA LEU B 78 4.53 0.27 9.40
C LEU B 78 3.21 0.92 8.98
N ILE B 79 2.43 0.24 8.13
CA ILE B 79 1.18 0.82 7.68
C ILE B 79 0.18 0.87 8.81
N ASP B 80 0.15 -0.17 9.63
CA ASP B 80 -0.85 -0.19 10.71
C ASP B 80 -0.66 0.96 11.71
N ASP B 81 0.58 1.29 12.01
CA ASP B 81 0.86 2.36 12.93
C ASP B 81 0.42 3.71 12.38
N ILE B 82 0.45 3.85 11.07
CA ILE B 82 -0.02 5.08 10.47
C ILE B 82 -1.56 5.04 10.56
N GLU B 83 -2.14 3.88 10.31
CA GLU B 83 -3.59 3.76 10.34
C GLU B 83 -4.20 3.94 11.71
N ASP B 84 -3.39 3.65 12.73
CA ASP B 84 -3.85 3.74 14.11
C ASP B 84 -3.27 4.95 14.81
N ASN B 85 -2.51 5.75 14.07
CA ASN B 85 -1.88 6.93 14.63
C ASN B 85 -1.04 6.56 15.89
N ALA B 86 -0.32 5.44 15.85
CA ALA B 86 0.49 4.97 16.99
C ALA B 86 1.83 5.69 17.15
N PRO B 87 2.13 6.15 18.38
CA PRO B 87 3.40 6.86 18.58
C PRO B 87 4.60 5.92 18.84
N LEU B 88 4.29 4.72 19.32
CA LEU B 88 5.32 3.76 19.66
C LEU B 88 5.01 2.37 19.12
N ARG B 89 6.08 1.63 18.83
CA ARG B 89 5.97 0.23 18.34
C ARG B 89 7.15 -0.47 18.99
N ARG B 90 6.86 -1.35 19.95
CA ARG B 90 7.93 -2.06 20.65
C ARG B 90 8.85 -1.03 21.34
N GLY B 91 8.24 -0.18 22.16
CA GLY B 91 9.01 0.81 22.88
C GLY B 91 9.74 1.85 22.07
N GLN B 92 9.69 1.75 20.74
CA GLN B 92 10.37 2.75 19.93
C GLN B 92 9.41 3.63 19.11
N THR B 93 9.93 4.79 18.73
CA THR B 93 9.19 5.79 17.95
C THR B 93 8.84 5.15 16.61
N THR B 94 7.57 5.23 16.26
CA THR B 94 7.15 4.66 15.00
C THR B 94 7.83 5.36 13.83
N SER B 95 8.09 4.62 12.75
CA SER B 95 8.73 5.22 11.59
C SER B 95 8.02 6.43 10.97
N HIS B 96 6.68 6.46 10.93
CA HIS B 96 6.06 7.59 10.25
C HIS B 96 6.28 8.87 10.96
N LEU B 97 6.63 8.78 12.24
CA LEU B 97 6.91 9.98 13.02
C LEU B 97 8.34 10.48 12.74
N ILE B 98 9.23 9.63 12.24
CA ILE B 98 10.61 10.07 11.96
C ILE B 98 10.80 10.34 10.48
N PHE B 99 10.28 9.45 9.64
CA PHE B 99 10.46 9.67 8.21
C PHE B 99 9.26 10.33 7.51
N GLY B 100 8.16 10.54 8.24
CA GLY B 100 6.96 11.15 7.64
C GLY B 100 5.99 10.07 7.14
N VAL B 101 4.72 10.39 7.16
CA VAL B 101 3.74 9.45 6.66
C VAL B 101 3.97 9.15 5.15
N PRO B 102 4.29 10.16 4.34
CA PRO B 102 4.47 9.82 2.93
C PRO B 102 5.55 8.79 2.62
N SER B 103 6.78 8.99 3.12
CA SER B 103 7.83 7.98 2.86
C SER B 103 7.51 6.62 3.46
N THR B 104 6.86 6.61 4.63
CA THR B 104 6.58 5.34 5.27
C THR B 104 5.53 4.51 4.51
N ILE B 105 4.48 5.17 4.05
CA ILE B 105 3.47 4.49 3.25
C ILE B 105 4.14 3.96 1.98
N ASN B 106 4.90 4.80 1.31
CA ASN B 106 5.49 4.32 0.08
C ASN B 106 6.46 3.13 0.28
N THR B 107 7.28 3.20 1.30
CA THR B 107 8.25 2.14 1.58
C THR B 107 7.54 0.86 2.00
N ALA B 108 6.49 0.97 2.79
CA ALA B 108 5.81 -0.23 3.23
C ALA B 108 5.22 -0.89 2.00
N ASN B 109 4.55 -0.10 1.15
CA ASN B 109 3.95 -0.67 -0.08
C ASN B 109 5.04 -1.25 -1.00
N TYR B 110 6.17 -0.54 -1.11
CA TYR B 110 7.29 -1.04 -1.91
C TYR B 110 7.68 -2.44 -1.40
N MET B 111 7.77 -2.61 -0.10
CA MET B 111 8.18 -3.91 0.41
C MET B 111 7.15 -5.06 0.16
N TYR B 112 5.87 -4.72 0.06
CA TYR B 112 4.90 -5.76 -0.24
C TYR B 112 5.32 -6.32 -1.61
N PHE B 113 5.70 -5.44 -2.53
CA PHE B 113 6.09 -5.87 -3.87
C PHE B 113 7.42 -6.58 -3.92
N ARG B 114 8.31 -6.22 -3.01
CA ARG B 114 9.63 -6.92 -2.91
C ARG B 114 9.33 -8.34 -2.41
N ALA B 115 8.37 -8.46 -1.52
CA ALA B 115 8.02 -9.79 -1.03
C ALA B 115 7.42 -10.63 -2.20
N MET B 116 6.51 -10.01 -2.96
CA MET B 116 5.87 -10.69 -4.08
C MET B 116 6.97 -11.23 -5.04
N GLN B 117 8.01 -10.44 -5.25
CA GLN B 117 9.12 -10.86 -6.11
C GLN B 117 9.86 -12.10 -5.54
N LEU B 118 10.01 -12.20 -4.23
CA LEU B 118 10.70 -13.35 -3.66
C LEU B 118 9.92 -14.67 -3.88
N VAL B 119 8.59 -14.57 -4.01
CA VAL B 119 7.76 -15.73 -4.27
C VAL B 119 8.23 -16.47 -5.52
N SER B 120 8.56 -15.75 -6.59
CA SER B 120 9.05 -16.42 -7.81
C SER B 120 10.40 -17.08 -7.61
N GLN B 121 11.02 -16.88 -6.46
CA GLN B 121 12.30 -17.54 -6.24
C GLN B 121 12.10 -18.80 -5.42
N LEU B 122 10.85 -19.12 -5.09
CA LEU B 122 10.56 -20.34 -4.31
C LEU B 122 10.57 -21.61 -5.18
N THR B 123 10.34 -21.46 -6.48
CA THR B 123 10.32 -22.63 -7.36
C THR B 123 10.41 -22.19 -8.78
N THR B 124 10.68 -23.10 -9.70
CA THR B 124 10.67 -22.77 -11.10
C THR B 124 9.58 -23.59 -11.74
N LYS B 125 8.94 -24.46 -10.98
CA LYS B 125 7.81 -25.22 -11.56
C LYS B 125 6.65 -24.24 -11.79
N GLU B 126 6.25 -24.06 -13.05
CA GLU B 126 5.16 -23.13 -13.40
C GLU B 126 3.84 -23.40 -12.72
N PRO B 127 3.48 -24.68 -12.51
CA PRO B 127 2.20 -24.95 -11.84
C PRO B 127 2.27 -24.58 -10.35
N LEU B 128 3.30 -25.01 -9.65
CA LEU B 128 3.42 -24.68 -8.24
C LEU B 128 3.52 -23.15 -8.07
N TYR B 129 4.30 -22.51 -8.92
CA TYR B 129 4.48 -21.08 -8.84
C TYR B 129 3.13 -20.37 -8.88
N HIS B 130 2.30 -20.75 -9.85
CA HIS B 130 1.00 -20.12 -9.91
C HIS B 130 0.26 -20.33 -8.58
N ASN B 131 0.35 -21.53 -8.01
CA ASN B 131 -0.35 -21.74 -6.75
C ASN B 131 0.22 -20.87 -5.63
N LEU B 132 1.54 -20.64 -5.63
CA LEU B 132 2.14 -19.82 -4.58
C LEU B 132 1.68 -18.36 -4.66
N ILE B 133 1.60 -17.84 -5.87
CA ILE B 133 1.18 -16.49 -6.09
C ILE B 133 -0.30 -16.39 -5.68
N THR B 134 -1.12 -17.41 -6.00
CA THR B 134 -2.52 -17.37 -5.65
C THR B 134 -2.65 -17.33 -4.13
N ILE B 135 -1.79 -18.06 -3.43
CA ILE B 135 -1.87 -18.06 -1.95
C ILE B 135 -1.57 -16.66 -1.43
N PHE B 136 -0.49 -16.07 -1.96
CA PHE B 136 -0.01 -14.73 -1.60
C PHE B 136 -1.13 -13.72 -1.84
N ASN B 137 -1.71 -13.75 -3.03
CA ASN B 137 -2.76 -12.82 -3.47
C ASN B 137 -3.99 -12.92 -2.60
N GLU B 138 -4.49 -14.14 -2.43
CA GLU B 138 -5.69 -14.41 -1.64
C GLU B 138 -5.54 -13.96 -0.18
N GLU B 139 -4.44 -14.32 0.45
CA GLU B 139 -4.31 -13.96 1.85
C GLU B 139 -4.06 -12.49 2.06
N LEU B 140 -3.41 -11.82 1.11
CA LEU B 140 -3.19 -10.39 1.29
C LEU B 140 -4.58 -9.73 1.08
N ILE B 141 -5.38 -10.23 0.13
CA ILE B 141 -6.71 -9.66 0.00
C ILE B 141 -7.46 -9.83 1.33
N ASN B 142 -7.33 -11.00 1.96
CA ASN B 142 -8.00 -11.25 3.23
C ASN B 142 -7.51 -10.34 4.34
N LEU B 143 -6.19 -10.13 4.39
CA LEU B 143 -5.64 -9.23 5.41
C LEU B 143 -6.24 -7.82 5.21
N HIS B 144 -6.30 -7.33 3.96
CA HIS B 144 -6.85 -5.99 3.76
C HIS B 144 -8.35 -5.87 4.04
N ARG B 145 -9.12 -6.92 3.76
CA ARG B 145 -10.56 -6.93 4.08
C ARG B 145 -10.73 -6.82 5.61
N GLY B 146 -10.03 -7.65 6.36
CA GLY B 146 -10.14 -7.62 7.81
C GLY B 146 -9.71 -6.31 8.40
N GLN B 147 -8.62 -5.80 7.87
CA GLN B 147 -8.12 -4.53 8.35
C GLN B 147 -9.12 -3.40 7.98
N GLY B 148 -9.68 -3.47 6.78
CA GLY B 148 -10.61 -2.45 6.34
C GLY B 148 -11.83 -2.39 7.25
N LEU B 149 -12.29 -3.55 7.69
CA LEU B 149 -13.48 -3.61 8.53
C LEU B 149 -13.16 -3.09 9.95
N ASP B 150 -12.01 -3.49 10.47
CA ASP B 150 -11.57 -3.06 11.82
C ASP B 150 -11.50 -1.53 11.81
N ILE B 151 -10.90 -0.97 10.78
CA ILE B 151 -10.76 0.47 10.64
C ILE B 151 -12.14 1.08 10.44
N TYR B 152 -12.97 0.45 9.60
CA TYR B 152 -14.31 1.01 9.39
C TYR B 152 -15.12 1.12 10.68
N TRP B 153 -15.14 0.07 11.48
CA TRP B 153 -15.93 0.10 12.72
C TRP B 153 -15.44 1.22 13.67
N ARG B 154 -14.13 1.34 13.75
CA ARG B 154 -13.50 2.33 14.61
C ARG B 154 -13.80 3.76 14.12
N ASP B 155 -13.59 4.02 12.84
CA ASP B 155 -13.77 5.36 12.34
C ASP B 155 -15.20 5.81 12.13
N PHE B 156 -16.11 4.85 12.03
CA PHE B 156 -17.51 5.18 11.87
C PHE B 156 -18.30 5.02 13.16
N LEU B 157 -17.64 4.57 14.25
CA LEU B 157 -18.36 4.39 15.53
C LEU B 157 -19.01 5.74 15.82
N PRO B 158 -20.26 5.75 16.32
CA PRO B 158 -21.10 4.61 16.65
C PRO B 158 -22.06 4.04 15.62
N GLU B 159 -21.78 4.17 14.33
CA GLU B 159 -22.71 3.61 13.34
C GLU B 159 -22.94 2.10 13.50
N ILE B 160 -21.87 1.33 13.64
CA ILE B 160 -22.02 -0.11 13.74
C ILE B 160 -21.34 -0.61 15.01
N ILE B 161 -22.02 -1.39 15.81
CA ILE B 161 -21.39 -1.95 16.97
C ILE B 161 -21.33 -3.40 16.65
N PRO B 162 -20.13 -3.91 16.43
CA PRO B 162 -20.07 -5.31 16.09
C PRO B 162 -20.39 -6.26 17.19
N THR B 163 -20.83 -7.43 16.76
CA THR B 163 -21.07 -8.51 17.69
C THR B 163 -19.77 -9.36 17.78
N GLN B 164 -19.75 -10.30 18.71
CA GLN B 164 -18.64 -11.20 18.89
C GLN B 164 -18.33 -12.00 17.61
N GLU B 165 -19.37 -12.49 16.97
CA GLU B 165 -19.20 -13.25 15.74
C GLU B 165 -18.63 -12.35 14.61
N MET B 166 -19.16 -11.14 14.49
CA MET B 166 -18.66 -10.23 13.46
C MET B 166 -17.18 -9.99 13.75
N TYR B 167 -16.87 -9.77 15.03
CA TYR B 167 -15.49 -9.53 15.44
C TYR B 167 -14.63 -10.72 15.06
N LEU B 168 -15.15 -11.92 15.37
CA LEU B 168 -14.37 -13.12 15.06
C LEU B 168 -14.16 -13.30 13.54
N ASN B 169 -15.16 -12.93 12.72
CA ASN B 169 -14.95 -13.03 11.27
C ASN B 169 -13.92 -11.95 10.77
N MET B 170 -13.89 -10.78 11.42
CA MET B 170 -12.95 -9.74 11.04
C MET B 170 -11.54 -10.28 11.34
N VAL B 171 -11.39 -10.93 12.50
CA VAL B 171 -10.08 -11.46 12.89
C VAL B 171 -9.61 -12.60 11.95
N MET B 172 -10.53 -13.47 11.55
CA MET B 172 -10.16 -14.56 10.62
C MET B 172 -9.53 -13.97 9.33
N ASN B 173 -10.01 -12.82 8.91
CA ASN B 173 -9.50 -12.12 7.74
C ASN B 173 -8.18 -11.38 8.08
N LYS B 174 -8.27 -10.42 9.01
CA LYS B 174 -7.14 -9.60 9.44
C LYS B 174 -5.89 -10.31 9.97
N THR B 175 -6.07 -11.11 11.02
CA THR B 175 -4.94 -11.75 11.67
C THR B 175 -4.67 -13.07 11.03
N GLY B 176 -5.71 -13.79 10.67
CA GLY B 176 -5.44 -15.07 10.07
C GLY B 176 -4.71 -14.97 8.74
N GLY B 177 -4.98 -13.92 8.00
CA GLY B 177 -4.33 -13.72 6.71
C GLY B 177 -2.85 -14.07 6.65
N LEU B 178 -2.02 -13.44 7.49
CA LEU B 178 -0.58 -13.76 7.41
C LEU B 178 -0.16 -15.11 8.02
N PHE B 179 -0.92 -15.63 9.00
CA PHE B 179 -0.60 -16.94 9.57
C PHE B 179 -0.92 -17.98 8.50
N ARG B 180 -2.06 -17.84 7.84
CA ARG B 180 -2.47 -18.78 6.80
C ARG B 180 -1.56 -18.65 5.58
N LEU B 181 -1.16 -17.42 5.28
CA LEU B 181 -0.32 -17.24 4.12
C LEU B 181 0.97 -18.01 4.32
N THR B 182 1.55 -17.90 5.50
CA THR B 182 2.81 -18.59 5.74
C THR B 182 2.63 -20.11 5.65
N LEU B 183 1.62 -20.60 6.35
CA LEU B 183 1.37 -22.03 6.42
C LEU B 183 0.98 -22.61 5.07
N ARG B 184 0.12 -21.93 4.32
CA ARG B 184 -0.26 -22.46 3.03
C ARG B 184 0.96 -22.55 2.07
N LEU B 185 1.84 -21.53 2.10
CA LEU B 185 3.03 -21.57 1.25
C LEU B 185 3.82 -22.84 1.59
N MET B 186 4.06 -23.06 2.88
CA MET B 186 4.81 -24.18 3.37
C MET B 186 4.15 -25.49 3.02
N GLU B 187 2.83 -25.58 3.15
CA GLU B 187 2.16 -26.83 2.81
C GLU B 187 2.21 -27.07 1.30
N ALA B 188 2.13 -26.00 0.51
CA ALA B 188 2.20 -26.16 -0.96
C ALA B 188 3.60 -26.62 -1.41
N LEU B 189 4.63 -26.16 -0.69
CA LEU B 189 6.02 -26.50 -1.00
C LEU B 189 6.57 -27.77 -0.38
N SER B 190 5.88 -28.32 0.61
CA SER B 190 6.36 -29.52 1.28
C SER B 190 6.68 -30.68 0.33
N PRO B 191 7.92 -31.17 0.38
CA PRO B 191 8.19 -32.29 -0.52
C PRO B 191 7.47 -33.49 0.12
N SER B 192 7.45 -33.49 1.44
CA SER B 192 6.84 -34.54 2.26
C SER B 192 5.54 -35.10 1.71
N SER B 193 5.53 -36.43 1.60
CA SER B 193 4.40 -37.19 1.07
C SER B 193 3.05 -36.66 1.57
N HIS B 194 2.62 -37.19 2.70
CA HIS B 194 1.34 -36.79 3.26
C HIS B 194 1.59 -36.48 4.73
N HIS B 195 2.03 -35.26 4.97
CA HIS B 195 2.33 -34.74 6.32
C HIS B 195 1.10 -34.64 7.23
N GLY B 196 0.09 -35.50 7.01
CA GLY B 196 -1.13 -35.45 7.81
C GLY B 196 -2.10 -34.39 7.29
N HIS B 197 -3.23 -34.22 7.98
CA HIS B 197 -4.24 -33.22 7.59
C HIS B 197 -3.61 -31.81 7.54
N SER B 198 -4.20 -30.91 6.76
CA SER B 198 -3.70 -29.53 6.69
C SER B 198 -3.69 -28.89 8.08
N LEU B 199 -2.72 -28.05 8.36
CA LEU B 199 -2.70 -27.38 9.63
C LEU B 199 -3.42 -26.00 9.60
N VAL B 200 -4.16 -25.70 8.52
CA VAL B 200 -4.87 -24.42 8.41
C VAL B 200 -5.81 -24.17 9.60
N PRO B 201 -6.66 -25.14 10.00
CA PRO B 201 -7.55 -24.89 11.14
C PRO B 201 -6.74 -24.53 12.37
N PHE B 202 -5.64 -25.23 12.57
CA PHE B 202 -4.78 -24.93 13.70
C PHE B 202 -4.21 -23.51 13.64
N ILE B 203 -3.75 -23.11 12.48
CA ILE B 203 -3.13 -21.80 12.37
C ILE B 203 -4.20 -20.70 12.55
N ASN B 204 -5.42 -20.96 12.09
CA ASN B 204 -6.55 -20.04 12.26
C ASN B 204 -6.76 -19.81 13.77
N LEU B 205 -6.77 -20.90 14.52
CA LEU B 205 -7.00 -20.82 15.97
C LEU B 205 -5.86 -20.04 16.63
N LEU B 206 -4.62 -20.29 16.20
CA LEU B 206 -3.51 -19.53 16.71
C LEU B 206 -3.72 -18.01 16.45
N GLY B 207 -4.15 -17.69 15.23
CA GLY B 207 -4.35 -16.27 14.91
C GLY B 207 -5.42 -15.64 15.78
N ILE B 208 -6.51 -16.37 16.06
CA ILE B 208 -7.55 -15.82 16.89
C ILE B 208 -7.05 -15.66 18.32
N ILE B 209 -6.35 -16.69 18.82
CA ILE B 209 -5.88 -16.56 20.16
C ILE B 209 -4.96 -15.36 20.19
N TYR B 210 -4.06 -15.28 19.19
CA TYR B 210 -3.10 -14.20 19.13
C TYR B 210 -3.75 -12.83 19.20
N GLN B 211 -4.79 -12.62 18.40
CA GLN B 211 -5.41 -11.30 18.39
C GLN B 211 -6.17 -10.98 19.65
N ILE B 212 -6.94 -11.93 20.17
CA ILE B 212 -7.71 -11.66 21.38
C ILE B 212 -6.73 -11.37 22.56
N ARG B 213 -5.62 -12.10 22.64
CA ARG B 213 -4.63 -11.87 23.71
C ARG B 213 -3.98 -10.51 23.56
N ASP B 214 -3.74 -10.10 22.32
CA ASP B 214 -3.18 -8.77 22.05
C ASP B 214 -4.18 -7.71 22.57
N ASP B 215 -5.46 -7.87 22.23
CA ASP B 215 -6.48 -6.91 22.69
C ASP B 215 -6.57 -6.96 24.21
N TYR B 216 -6.53 -8.16 24.78
CA TYR B 216 -6.64 -8.37 26.21
C TYR B 216 -5.50 -7.66 27.00
N LEU B 217 -4.27 -7.96 26.62
CA LEU B 217 -3.09 -7.41 27.28
C LEU B 217 -2.93 -5.92 27.16
N ASN B 218 -3.39 -5.37 26.04
CA ASN B 218 -3.33 -3.93 25.85
C ASN B 218 -4.05 -3.23 27.01
N LEU B 219 -5.15 -3.82 27.50
CA LEU B 219 -5.92 -3.26 28.62
C LEU B 219 -5.42 -3.79 30.00
N LYS B 220 -5.15 -5.09 30.08
CA LYS B 220 -4.71 -5.69 31.34
C LYS B 220 -3.39 -5.12 31.83
N ASP B 221 -2.45 -4.89 30.92
CA ASP B 221 -1.14 -4.35 31.29
C ASP B 221 -1.27 -2.95 31.88
N PHE B 222 -2.23 -2.18 31.36
CA PHE B 222 -2.49 -0.83 31.85
C PHE B 222 -3.17 -0.91 33.24
N GLN B 223 -4.14 -1.82 33.37
CA GLN B 223 -4.87 -2.00 34.63
C GLN B 223 -3.90 -2.36 35.77
N MET B 224 -2.82 -3.06 35.41
CA MET B 224 -1.81 -3.50 36.38
C MET B 224 -0.61 -2.57 36.52
N SER B 225 -0.57 -1.53 35.69
CA SER B 225 0.56 -0.62 35.74
C SER B 225 0.42 0.50 34.72
N SER B 226 0.48 1.75 35.17
CA SER B 226 0.38 2.90 34.27
C SER B 226 1.68 3.07 33.47
N GLU B 227 2.62 2.14 33.65
CA GLU B 227 3.90 2.17 32.92
C GLU B 227 4.35 0.82 32.32
N LYS B 228 3.49 -0.20 32.46
CA LYS B 228 3.74 -1.52 31.85
C LYS B 228 3.19 -1.40 30.40
N GLY B 229 2.11 -0.62 30.29
CA GLY B 229 1.44 -0.37 29.03
C GLY B 229 0.63 0.93 29.12
N PHE B 230 0.23 1.48 27.97
CA PHE B 230 -0.54 2.72 27.90
C PHE B 230 -2.02 2.54 27.52
N ALA B 231 -2.42 1.32 27.19
CA ALA B 231 -3.79 1.04 26.78
C ALA B 231 -4.11 1.95 25.57
N GLU B 232 -3.16 2.02 24.63
CA GLU B 232 -3.35 2.81 23.42
C GLU B 232 -4.62 2.41 22.62
N ASP B 233 -5.08 1.17 22.74
CA ASP B 233 -6.32 0.76 22.04
C ASP B 233 -7.50 1.66 22.39
N ILE B 234 -7.53 2.17 23.61
CA ILE B 234 -8.61 3.04 24.04
C ILE B 234 -8.45 4.35 23.33
N THR B 235 -7.23 4.87 23.31
CA THR B 235 -6.97 6.12 22.64
C THR B 235 -7.35 6.00 21.16
N GLU B 236 -7.12 4.84 20.57
CA GLU B 236 -7.40 4.63 19.17
C GLU B 236 -8.91 4.45 18.90
N GLY B 237 -9.71 4.17 19.93
CA GLY B 237 -11.13 3.96 19.72
C GLY B 237 -11.41 2.56 19.19
N LYS B 238 -10.44 1.65 19.33
CA LYS B 238 -10.55 0.28 18.78
C LYS B 238 -11.74 -0.59 19.25
N LEU B 239 -12.37 -1.32 18.33
CA LEU B 239 -13.44 -2.23 18.74
C LEU B 239 -12.71 -3.56 19.08
N SER B 240 -12.00 -3.56 20.22
CA SER B 240 -11.24 -4.74 20.68
C SER B 240 -12.21 -5.77 21.26
N PHE B 241 -11.74 -7.02 21.42
CA PHE B 241 -12.61 -8.07 21.94
C PHE B 241 -13.29 -7.69 23.26
N PRO B 242 -12.51 -7.18 24.25
CA PRO B 242 -13.13 -6.80 25.53
C PRO B 242 -14.15 -5.68 25.39
N ILE B 243 -13.83 -4.72 24.51
CA ILE B 243 -14.76 -3.60 24.25
C ILE B 243 -16.06 -4.13 23.56
N VAL B 244 -15.91 -5.03 22.60
CA VAL B 244 -17.10 -5.61 21.92
C VAL B 244 -17.98 -6.33 22.97
N HIS B 245 -17.38 -7.15 23.82
CA HIS B 245 -18.17 -7.78 24.86
C HIS B 245 -18.93 -6.76 25.73
N ALA B 246 -18.22 -5.74 26.22
CA ALA B 246 -18.84 -4.73 27.04
C ALA B 246 -20.01 -3.97 26.38
N LEU B 247 -19.81 -3.52 25.14
CA LEU B 247 -20.86 -2.81 24.42
C LEU B 247 -22.07 -3.72 24.26
N ASN B 248 -21.87 -4.99 23.97
CA ASN B 248 -23.03 -5.86 23.80
C ASN B 248 -23.63 -6.27 25.13
N PHE B 249 -22.79 -6.45 26.14
CA PHE B 249 -23.28 -6.80 27.47
C PHE B 249 -24.16 -5.66 28.03
N THR B 250 -23.70 -4.42 27.87
CA THR B 250 -24.47 -3.30 28.38
C THR B 250 -25.76 -3.15 27.57
N LYS B 251 -25.72 -3.34 26.26
CA LYS B 251 -26.95 -3.23 25.45
C LYS B 251 -27.97 -4.24 25.99
N THR B 252 -27.53 -5.51 26.02
CA THR B 252 -28.31 -6.66 26.48
C THR B 252 -28.98 -6.50 27.84
N LYS B 253 -28.26 -5.96 28.80
CA LYS B 253 -28.83 -5.82 30.10
C LYS B 253 -29.54 -4.49 30.28
N GLY B 254 -29.65 -3.72 29.20
CA GLY B 254 -30.32 -2.43 29.27
C GLY B 254 -29.60 -1.33 30.06
N GLN B 255 -28.32 -1.52 30.37
CA GLN B 255 -27.55 -0.50 31.08
C GLN B 255 -27.20 0.61 30.07
N THR B 256 -28.19 1.42 29.80
CA THR B 256 -28.05 2.47 28.88
C THR B 256 -26.96 3.48 29.18
N GLU B 257 -26.81 3.88 30.44
CA GLU B 257 -25.80 4.89 30.69
C GLU B 257 -24.40 4.35 30.51
N GLN B 258 -24.15 3.14 30.99
CA GLN B 258 -22.83 2.53 30.83
C GLN B 258 -22.54 2.28 29.38
N HIS B 259 -23.53 1.80 28.64
CA HIS B 259 -23.32 1.57 27.21
C HIS B 259 -22.83 2.87 26.58
N ASN B 260 -23.54 3.98 26.83
CA ASN B 260 -23.19 5.27 26.26
C ASN B 260 -21.87 5.84 26.78
N GLU B 261 -21.55 5.60 28.06
CA GLU B 261 -20.28 6.10 28.63
C GLU B 261 -19.09 5.40 27.93
N ILE B 262 -19.16 4.10 27.71
CA ILE B 262 -18.10 3.40 26.98
C ILE B 262 -17.92 4.06 25.60
N LEU B 263 -19.03 4.28 24.88
CA LEU B 263 -18.91 4.90 23.58
C LEU B 263 -18.31 6.29 23.68
N ARG B 264 -18.74 7.07 24.66
CA ARG B 264 -18.20 8.41 24.82
C ARG B 264 -16.67 8.40 25.02
N ILE B 265 -16.20 7.48 25.82
CA ILE B 265 -14.77 7.40 26.06
C ILE B 265 -14.02 7.02 24.78
N LEU B 266 -14.48 5.98 24.11
CA LEU B 266 -13.85 5.59 22.87
C LEU B 266 -13.82 6.77 21.89
N LEU B 267 -14.93 7.50 21.80
CA LEU B 267 -15.06 8.63 20.88
C LEU B 267 -14.21 9.84 21.23
N LEU B 268 -13.78 9.92 22.47
CA LEU B 268 -12.87 11.01 22.86
C LEU B 268 -11.49 10.92 22.22
N ARG B 269 -11.02 9.71 21.88
CA ARG B 269 -9.68 9.52 21.35
C ARG B 269 -8.74 10.15 22.40
N THR B 270 -8.93 9.78 23.66
CA THR B 270 -8.18 10.34 24.78
C THR B 270 -6.87 9.64 25.19
N SER B 271 -5.94 10.44 25.71
CA SER B 271 -4.64 9.95 26.20
C SER B 271 -4.63 10.21 27.68
N ASP B 272 -5.75 10.65 28.21
CA ASP B 272 -5.84 10.95 29.63
C ASP B 272 -5.95 9.63 30.46
N LYS B 273 -4.90 9.32 31.21
CA LYS B 273 -4.85 8.13 32.04
C LYS B 273 -6.09 7.95 32.90
N ASP B 274 -6.57 9.04 33.51
CA ASP B 274 -7.73 8.89 34.38
C ASP B 274 -9.00 8.40 33.66
N ILE B 275 -9.26 9.01 32.51
CA ILE B 275 -10.40 8.61 31.70
C ILE B 275 -10.22 7.15 31.20
N LYS B 276 -9.00 6.77 30.80
CA LYS B 276 -8.77 5.39 30.37
C LYS B 276 -9.05 4.41 31.54
N LEU B 277 -8.55 4.75 32.73
CA LEU B 277 -8.78 3.93 33.92
C LEU B 277 -10.27 3.84 34.18
N LYS B 278 -10.97 4.93 33.88
CA LYS B 278 -12.40 4.93 34.09
C LYS B 278 -13.09 3.90 33.19
N LEU B 279 -12.66 3.78 31.93
CA LEU B 279 -13.25 2.77 31.02
C LEU B 279 -12.89 1.38 31.55
N ILE B 280 -11.65 1.22 31.98
CA ILE B 280 -11.21 -0.06 32.48
C ILE B 280 -12.02 -0.46 33.71
N GLN B 281 -12.37 0.50 34.55
CA GLN B 281 -13.13 0.05 35.69
C GLN B 281 -14.58 -0.33 35.31
N ILE B 282 -15.14 0.26 34.28
CA ILE B 282 -16.48 -0.17 33.84
C ILE B 282 -16.35 -1.64 33.37
N LEU B 283 -15.29 -1.92 32.61
CA LEU B 283 -15.08 -3.27 32.10
C LEU B 283 -14.76 -4.25 33.23
N GLU B 284 -14.08 -3.77 34.27
CA GLU B 284 -13.76 -4.68 35.35
C GLU B 284 -14.94 -4.87 36.31
N PHE B 285 -15.62 -3.79 36.69
CA PHE B 285 -16.71 -3.96 37.67
C PHE B 285 -18.11 -4.09 37.18
N ASP B 286 -18.41 -3.46 36.05
CA ASP B 286 -19.76 -3.50 35.55
C ASP B 286 -20.03 -4.63 34.57
N THR B 287 -19.16 -4.81 33.57
CA THR B 287 -19.39 -5.82 32.55
C THR B 287 -18.54 -7.07 32.71
N ASN B 288 -17.53 -6.98 33.54
CA ASN B 288 -16.64 -8.11 33.75
C ASN B 288 -16.05 -8.61 32.41
N SER B 289 -15.78 -7.70 31.49
CA SER B 289 -15.26 -8.08 30.19
C SER B 289 -13.81 -8.63 30.21
N LEU B 290 -12.98 -8.14 31.14
CA LEU B 290 -11.60 -8.63 31.18
C LEU B 290 -11.55 -10.11 31.63
N ALA B 291 -12.33 -10.48 32.65
CA ALA B 291 -12.37 -11.87 33.12
C ALA B 291 -12.97 -12.71 32.00
N TYR B 292 -14.08 -12.22 31.46
CA TYR B 292 -14.75 -12.93 30.38
C TYR B 292 -13.73 -13.23 29.26
N THR B 293 -12.92 -12.23 28.92
CA THR B 293 -11.95 -12.38 27.83
C THR B 293 -10.83 -13.37 28.21
N LYS B 294 -10.37 -13.26 29.46
CA LYS B 294 -9.35 -14.16 29.96
C LYS B 294 -9.89 -15.60 29.81
N ASN B 295 -11.13 -15.76 30.20
CA ASN B 295 -11.71 -17.08 30.16
C ASN B 295 -11.88 -17.56 28.74
N PHE B 296 -12.27 -16.65 27.84
CA PHE B 296 -12.48 -17.02 26.44
C PHE B 296 -11.13 -17.48 25.85
N ILE B 297 -10.07 -16.77 26.20
CA ILE B 297 -8.77 -17.16 25.67
C ILE B 297 -8.39 -18.58 26.16
N ASN B 298 -8.54 -18.83 27.47
CA ASN B 298 -8.18 -20.15 28.03
C ASN B 298 -8.97 -21.27 27.33
N GLN B 299 -10.21 -20.98 27.03
CA GLN B 299 -11.00 -21.98 26.35
C GLN B 299 -10.41 -22.27 24.98
N LEU B 300 -9.94 -21.22 24.30
CA LEU B 300 -9.38 -21.41 22.96
C LEU B 300 -8.17 -22.30 23.06
N VAL B 301 -7.28 -21.92 23.97
CA VAL B 301 -6.06 -22.63 24.23
C VAL B 301 -6.35 -24.09 24.61
N ASN B 302 -7.38 -24.27 25.46
CA ASN B 302 -7.71 -25.62 25.89
C ASN B 302 -7.99 -26.48 24.71
N MET B 303 -8.63 -25.93 23.68
CA MET B 303 -8.96 -26.74 22.50
C MET B 303 -7.71 -27.39 21.92
N ILE B 304 -6.56 -26.77 22.10
CA ILE B 304 -5.33 -27.33 21.60
C ILE B 304 -4.69 -28.18 22.66
N LYS B 305 -4.61 -27.64 23.89
CA LYS B 305 -4.01 -28.36 25.01
C LYS B 305 -4.66 -29.73 25.26
N ASN B 306 -5.92 -29.87 24.87
CA ASN B 306 -6.62 -31.13 25.05
C ASN B 306 -6.91 -31.81 23.72
N ASP B 307 -6.07 -31.57 22.70
CA ASP B 307 -6.29 -32.20 21.40
C ASP B 307 -5.54 -33.53 21.30
N ASN B 308 -6.03 -34.51 22.06
CA ASN B 308 -5.44 -35.85 22.10
C ASN B 308 -5.63 -36.63 20.81
N GLU B 309 -6.79 -36.50 20.18
CA GLU B 309 -7.05 -37.20 18.93
C GLU B 309 -6.35 -36.49 17.75
N ASN B 310 -5.47 -35.54 18.09
CA ASN B 310 -4.77 -34.73 17.09
C ASN B 310 -5.64 -34.31 15.91
N LYS B 311 -6.77 -33.70 16.21
CA LYS B 311 -7.66 -33.22 15.16
C LYS B 311 -7.12 -31.90 14.63
N TYR B 312 -6.47 -31.14 15.49
CA TYR B 312 -5.92 -29.85 15.11
C TYR B 312 -4.40 -29.97 15.04
N LEU B 313 -3.78 -30.45 16.12
CA LEU B 313 -2.34 -30.64 16.15
C LEU B 313 -1.97 -31.65 15.05
N PRO B 314 -0.68 -31.72 14.70
CA PRO B 314 -0.31 -32.67 13.65
C PRO B 314 -0.25 -34.10 14.21
N ASP B 328 4.39 -30.56 22.82
CA ASP B 328 5.81 -30.24 23.20
C ASP B 328 6.11 -28.75 23.03
N GLU B 329 6.77 -28.40 21.93
CA GLU B 329 7.13 -27.01 21.63
C GLU B 329 5.84 -26.21 21.40
N LEU B 330 4.72 -26.93 21.35
CA LEU B 330 3.38 -26.37 21.19
C LEU B 330 3.10 -25.34 22.28
N LEU B 331 3.17 -25.83 23.51
CA LEU B 331 2.93 -25.06 24.70
C LEU B 331 3.77 -23.80 24.75
N TYR B 332 5.09 -23.93 24.60
CA TYR B 332 5.99 -22.78 24.64
C TYR B 332 5.50 -21.73 23.59
N ILE B 333 5.19 -22.21 22.39
CA ILE B 333 4.71 -21.37 21.30
C ILE B 333 3.43 -20.65 21.72
N ILE B 334 2.49 -21.40 22.28
CA ILE B 334 1.22 -20.82 22.75
C ILE B 334 1.38 -19.73 23.84
N ASP B 335 2.30 -19.95 24.77
CA ASP B 335 2.55 -19.01 25.86
C ASP B 335 3.34 -17.76 25.45
N HIS B 336 4.08 -17.85 24.34
CA HIS B 336 4.85 -16.70 23.86
C HIS B 336 4.27 -16.21 22.54
N LEU B 337 2.98 -16.47 22.36
CA LEU B 337 2.24 -16.09 21.17
C LEU B 337 2.22 -14.57 21.00
N SER B 338 2.31 -13.87 22.13
CA SER B 338 2.32 -12.41 22.14
C SER B 338 3.55 -11.76 21.50
N GLU B 339 4.68 -12.46 21.43
CA GLU B 339 5.86 -11.84 20.83
C GLU B 339 6.01 -12.07 19.34
N LEU B 340 5.00 -12.71 18.73
CA LEU B 340 5.04 -12.97 17.30
C LEU B 340 5.06 -11.68 16.49
#